data_4XNY
#
_entry.id   4XNY
#
_cell.length_a   121.476
_cell.length_b   121.476
_cell.length_c   68.700
_cell.angle_alpha   90.000
_cell.angle_beta   90.000
_cell.angle_gamma   90.000
#
_symmetry.space_group_name_H-M   'P 43'
#
loop_
_entity.id
_entity.type
_entity.pdbx_description
1 polymer 'Envelope glycoprotein gp160,Envelope glycoprotein gp160,Envelope glycoprotein gp160'
2 polymer 'HEAVY CHAIN OF ANTIBODY VRC08C'
3 polymer 'LIGHT CHAIN OF ANTIBODY VRC08C'
4 non-polymer 2-acetamido-2-deoxy-beta-D-glucopyranose
5 water water
#
loop_
_entity_poly.entity_id
_entity_poly.type
_entity_poly.pdbx_seq_one_letter_code
_entity_poly.pdbx_strand_id
1 'polypeptide(L)'
;VWKEAETTLFCASDAKAYETEKHNVWATHACVPTDPNPQEIHLENVTEEFNMWKNNMVEQMHTDIISLWDQSLKPCVKLT
GGSAITQACPKVTFEPIPIHYCAPAGFAILKCKDEEFNGIGPCKNVSTVQCTHGIKPVVSTQLLLNGSLAEKEVKIRCEN
ITNNAKTIIVQLVNPVKINCTRPNNGGSGSGGDIRQAHCNVNRTEWNNTLHQVVEQLRKHFNKTINFANSTGGDLEITTH
SFNCGGEFFYCNTTNLFNSTWNHTASMNSTESNDTIILPCRIKQIINMWQRVGQAMYAPPIRGVIRCESNITGLILTRDG
GNTNSTRETFRPGGGDMRDNWRSELYKYKVVKIE
;
G
2 'polypeptide(L)'
;QHSQVQSGTQIKTPGASVTLSCGTSGYDFMESLINWVRQEIGKRPEWLGWMNPRGGGVNYAQRFQGKVTMTRDVSSGTAY
LTLRGLTSDDTAKYYCVRGKSCCNGRRYCNGADCFNWDFEYWGQGTLVIVSPASTKGPSVFPLAPSSKSTSGGTAALGCL
VKDYFPEPVTVSWNSGALTSGVHTFPAVLQSSGLYSLSSVVTVPSSSLGTQTYICNVNHKPSNTKVDKKVEPKSC
;
H
3 'polypeptide(L)'
;YIGLTQSPGTLSVSPGERATLSCRPSQAISKSHLAWYSQKSGQPPRLLLTGTYERASGVPDRFVGSGSGTNYTLTIASVE
AEDFAVYFCQCFEGFGQGTKLEIKRTVAAPSVFIFPPSDEQLKSGTASVVCLLNNFYPREAKVQWKVDNALQSGNSQESV
TEQDSKDSTYSLSSTLTLSKADYEKHKVYACEVTHQGLSSPVTKSFNRGEC
;
L
#
loop_
_chem_comp.id
_chem_comp.type
_chem_comp.name
_chem_comp.formula
NAG D-saccharide, beta linking 2-acetamido-2-deoxy-beta-D-glucopyranose 'C8 H15 N O6'
#
# COMPACT_ATOMS: atom_id res chain seq x y z
N TRP A 2 -13.83 6.86 38.96
CA TRP A 2 -14.51 7.75 38.04
C TRP A 2 -14.45 7.21 36.61
N LYS A 3 -15.62 7.06 36.00
CA LYS A 3 -15.74 6.41 34.70
C LYS A 3 -16.41 7.30 33.66
N GLU A 4 -15.85 7.28 32.45
CA GLU A 4 -16.36 8.09 31.34
C GLU A 4 -17.83 7.77 31.06
N ALA A 5 -18.55 8.76 30.54
CA ALA A 5 -19.98 8.61 30.29
C ALA A 5 -20.42 9.41 29.07
N GLU A 6 -21.53 8.99 28.47
CA GLU A 6 -22.11 9.68 27.32
C GLU A 6 -23.40 10.40 27.70
N THR A 7 -23.46 11.68 27.37
CA THR A 7 -24.66 12.48 27.61
C THR A 7 -24.73 13.61 26.59
N THR A 8 -25.72 14.48 26.73
CA THR A 8 -25.84 15.64 25.86
C THR A 8 -25.40 16.90 26.60
N LEU A 9 -24.23 17.40 26.23
CA LEU A 9 -23.73 18.65 26.78
C LEU A 9 -24.50 19.83 26.19
N PHE A 10 -24.79 20.83 27.01
CA PHE A 10 -25.39 22.05 26.52
C PHE A 10 -24.30 23.07 26.22
N CYS A 11 -24.56 23.96 25.27
CA CYS A 11 -23.56 24.93 24.85
C CYS A 11 -23.79 26.28 25.50
N ALA A 12 -22.69 26.99 25.77
CA ALA A 12 -22.77 28.36 26.25
C ALA A 12 -22.06 29.27 25.24
N SER A 13 -22.62 30.46 25.04
CA SER A 13 -22.09 31.40 24.07
C SER A 13 -22.47 32.83 24.42
N ASP A 14 -22.03 33.78 23.61
CA ASP A 14 -22.36 35.18 23.81
C ASP A 14 -22.89 35.80 22.53
N ALA A 15 -23.98 35.23 22.01
CA ALA A 15 -24.59 35.74 20.79
C ALA A 15 -25.19 37.11 21.03
N LYS A 16 -25.44 37.83 19.94
CA LYS A 16 -26.07 39.14 20.01
C LYS A 16 -27.40 39.12 19.27
N ALA A 17 -28.43 39.63 19.93
CA ALA A 17 -29.81 39.52 19.46
C ALA A 17 -30.04 40.26 18.15
N TYR A 18 -29.24 41.29 17.89
CA TYR A 18 -29.45 42.14 16.73
C TYR A 18 -28.66 41.66 15.51
N GLU A 19 -27.78 40.68 15.71
CA GLU A 19 -26.96 40.17 14.62
C GLU A 19 -27.75 39.25 13.72
N THR A 20 -27.53 39.39 12.41
CA THR A 20 -28.10 38.48 11.43
C THR A 20 -27.05 37.44 11.02
N GLU A 21 -25.84 37.57 11.56
CA GLU A 21 -24.78 36.59 11.37
C GLU A 21 -25.25 35.25 11.95
N LYS A 22 -25.02 34.18 11.20
CA LYS A 22 -25.69 32.90 11.47
C LYS A 22 -25.21 32.17 12.73
N HIS A 23 -23.94 32.28 13.07
CA HIS A 23 -23.43 31.67 14.30
C HIS A 23 -24.11 32.31 15.51
N ASN A 24 -24.27 33.63 15.47
CA ASN A 24 -25.01 34.34 16.50
C ASN A 24 -26.46 33.87 16.54
N VAL A 25 -27.11 33.87 15.38
CA VAL A 25 -28.50 33.44 15.27
C VAL A 25 -28.71 32.04 15.84
N TRP A 26 -27.81 31.12 15.49
CA TRP A 26 -27.90 29.74 15.97
C TRP A 26 -27.73 29.69 17.49
N ALA A 27 -26.78 30.46 18.00
CA ALA A 27 -26.46 30.43 19.42
C ALA A 27 -27.51 31.09 20.30
N THR A 28 -28.37 31.92 19.72
CA THR A 28 -29.42 32.57 20.52
C THR A 28 -30.42 31.55 21.06
N HIS A 29 -30.71 30.53 20.26
CA HIS A 29 -31.70 29.51 20.64
C HIS A 29 -31.06 28.21 21.09
N ALA A 30 -29.80 27.99 20.72
CA ALA A 30 -29.14 26.72 21.00
C ALA A 30 -28.33 26.76 22.29
N CYS A 31 -27.92 27.96 22.71
CA CYS A 31 -27.00 28.12 23.84
C CYS A 31 -27.56 29.05 24.92
N VAL A 32 -26.84 29.13 26.03
CA VAL A 32 -27.14 30.08 27.12
C VAL A 32 -25.95 31.01 27.27
N PRO A 33 -26.13 32.13 28.01
CA PRO A 33 -25.00 33.05 28.21
C PRO A 33 -23.82 32.41 28.93
N THR A 34 -22.62 32.95 28.72
CA THR A 34 -21.42 32.41 29.36
C THR A 34 -21.38 32.80 30.84
N ASP A 35 -20.60 32.04 31.60
CA ASP A 35 -20.38 32.32 33.02
C ASP A 35 -19.24 33.34 33.16
N PRO A 36 -19.47 34.44 33.91
CA PRO A 36 -18.36 35.40 34.02
C PRO A 36 -17.25 34.91 34.97
N ASN A 37 -17.64 34.20 36.02
CA ASN A 37 -16.69 33.65 36.99
C ASN A 37 -16.74 32.12 37.00
N PRO A 38 -16.20 31.49 35.94
CA PRO A 38 -16.18 30.03 35.86
C PRO A 38 -15.28 29.39 36.91
N GLN A 39 -15.78 28.35 37.57
CA GLN A 39 -15.04 27.69 38.63
C GLN A 39 -14.24 26.50 38.11
N GLU A 40 -12.96 26.47 38.48
CA GLU A 40 -12.08 25.35 38.14
C GLU A 40 -11.47 24.79 39.43
N ILE A 41 -11.64 23.49 39.63
CA ILE A 41 -11.23 22.82 40.87
C ILE A 41 -10.23 21.71 40.59
N HIS A 42 -9.05 21.81 41.20
CA HIS A 42 -8.00 20.81 41.03
C HIS A 42 -8.28 19.57 41.87
N LEU A 43 -7.92 18.41 41.34
CA LEU A 43 -8.09 17.14 42.05
C LEU A 43 -6.74 16.64 42.56
N GLU A 44 -6.53 16.78 43.86
CA GLU A 44 -5.25 16.43 44.49
C GLU A 44 -5.03 14.92 44.50
N ASN A 45 -3.82 14.51 44.13
CA ASN A 45 -3.44 13.10 44.12
C ASN A 45 -4.39 12.25 43.29
N VAL A 46 -4.72 12.72 42.09
CA VAL A 46 -5.67 12.03 41.22
C VAL A 46 -5.11 11.89 39.80
N THR A 47 -5.14 10.66 39.30
CA THR A 47 -4.74 10.35 37.94
C THR A 47 -5.94 9.81 37.15
N GLU A 48 -6.07 10.24 35.90
CA GLU A 48 -7.20 9.83 35.08
C GLU A 48 -6.75 9.50 33.66
N GLU A 49 -7.44 8.54 33.04
CA GLU A 49 -7.13 8.11 31.68
C GLU A 49 -7.82 9.01 30.67
N PHE A 50 -7.07 9.47 29.67
CA PHE A 50 -7.61 10.30 28.60
C PHE A 50 -7.35 9.68 27.23
N ASN A 51 -8.29 9.89 26.31
CA ASN A 51 -8.11 9.48 24.92
C ASN A 51 -8.81 10.46 23.99
N MET A 52 -8.03 11.29 23.30
CA MET A 52 -8.57 12.30 22.41
C MET A 52 -9.14 11.66 21.15
N TRP A 53 -8.75 10.42 20.88
CA TRP A 53 -9.13 9.75 19.64
C TRP A 53 -10.44 8.97 19.79
N LYS A 54 -10.78 8.63 21.03
CA LYS A 54 -12.11 8.08 21.34
C LYS A 54 -12.77 8.96 22.40
N ASN A 55 -13.28 10.10 21.97
CA ASN A 55 -13.93 11.06 22.85
C ASN A 55 -15.29 11.45 22.30
N ASN A 56 -16.34 11.14 23.06
CA ASN A 56 -17.70 11.38 22.60
C ASN A 56 -18.04 12.87 22.51
N MET A 57 -17.22 13.71 23.14
CA MET A 57 -17.39 15.16 23.03
C MET A 57 -17.15 15.60 21.60
N VAL A 58 -16.15 15.00 20.95
CA VAL A 58 -15.86 15.25 19.55
C VAL A 58 -17.10 14.96 18.71
N GLU A 59 -17.74 13.84 19.02
CA GLU A 59 -18.86 13.36 18.22
C GLU A 59 -20.09 14.26 18.34
N GLN A 60 -20.36 14.78 19.54
CA GLN A 60 -21.49 15.66 19.72
C GLN A 60 -21.27 17.01 19.04
N MET A 61 -20.06 17.54 19.16
CA MET A 61 -19.73 18.81 18.53
C MET A 61 -19.90 18.72 17.02
N HIS A 62 -19.45 17.60 16.45
CA HIS A 62 -19.61 17.34 15.03
C HIS A 62 -21.09 17.45 14.64
N THR A 63 -21.95 16.77 15.39
CA THR A 63 -23.39 16.78 15.12
C THR A 63 -23.96 18.20 15.20
N ASP A 64 -23.48 18.99 16.16
CA ASP A 64 -23.99 20.35 16.36
C ASP A 64 -23.60 21.28 15.21
N ILE A 65 -22.34 21.23 14.79
CA ILE A 65 -21.87 22.11 13.72
C ILE A 65 -22.49 21.71 12.39
N ILE A 66 -22.73 20.42 12.20
CA ILE A 66 -23.47 19.94 11.04
C ILE A 66 -24.86 20.56 11.04
N SER A 67 -25.49 20.57 12.22
CA SER A 67 -26.83 21.13 12.36
C SER A 67 -26.79 22.64 12.14
N LEU A 68 -25.74 23.28 12.63
CA LEU A 68 -25.56 24.72 12.43
C LEU A 68 -25.46 25.05 10.95
N TRP A 69 -24.69 24.27 10.22
CA TRP A 69 -24.46 24.51 8.81
C TRP A 69 -25.73 24.26 7.98
N ASP A 70 -26.46 23.21 8.32
CA ASP A 70 -27.67 22.84 7.57
C ASP A 70 -28.75 23.92 7.68
N GLN A 71 -28.72 24.69 8.78
CA GLN A 71 -29.67 25.79 8.96
C GLN A 71 -29.17 27.05 8.27
N SER A 72 -27.87 27.31 8.42
CA SER A 72 -27.28 28.59 8.04
C SER A 72 -26.92 28.70 6.57
N LEU A 73 -26.05 27.81 6.10
CA LEU A 73 -25.58 27.83 4.72
C LEU A 73 -26.46 26.95 3.84
N LYS A 74 -27.43 27.57 3.19
CA LYS A 74 -28.37 26.84 2.35
C LYS A 74 -28.02 27.00 0.87
N PRO A 75 -27.64 25.90 0.20
CA PRO A 75 -27.31 25.98 -1.23
C PRO A 75 -28.55 26.02 -2.11
N CYS A 76 -28.41 26.50 -3.34
CA CYS A 76 -29.52 26.57 -4.28
C CYS A 76 -29.91 25.17 -4.72
N VAL A 77 -28.90 24.30 -4.83
CA VAL A 77 -29.09 22.92 -5.24
C VAL A 77 -28.13 22.05 -4.45
N LYS A 78 -28.57 20.83 -4.12
CA LYS A 78 -27.70 19.86 -3.47
C LYS A 78 -28.01 18.45 -3.94
N LEU A 79 -26.96 17.73 -4.36
CA LEU A 79 -27.07 16.36 -4.84
C LEU A 79 -26.60 15.37 -3.78
N THR A 80 -27.56 14.71 -3.13
CA THR A 80 -27.27 13.62 -2.21
C THR A 80 -27.93 12.36 -2.76
N GLY A 81 -27.12 11.49 -3.38
CA GLY A 81 -27.65 10.36 -4.12
C GLY A 81 -28.11 10.82 -5.48
N GLY A 82 -29.39 10.61 -5.79
CA GLY A 82 -29.99 11.07 -7.03
C GLY A 82 -31.02 12.17 -6.80
N SER A 83 -31.35 12.39 -5.54
CA SER A 83 -32.37 13.38 -5.16
C SER A 83 -31.81 14.80 -5.19
N ALA A 84 -32.21 15.57 -6.19
CA ALA A 84 -31.76 16.95 -6.35
C ALA A 84 -32.71 17.93 -5.69
N ILE A 85 -32.42 18.27 -4.45
CA ILE A 85 -33.22 19.25 -3.70
C ILE A 85 -32.85 20.67 -4.13
N THR A 86 -33.87 21.45 -4.48
CA THR A 86 -33.69 22.85 -4.87
C THR A 86 -34.36 23.78 -3.86
N GLN A 87 -33.73 24.91 -3.57
CA GLN A 87 -34.27 25.87 -2.62
C GLN A 87 -33.64 27.26 -2.76
N ALA A 88 -34.18 28.22 -2.02
CA ALA A 88 -33.68 29.58 -2.05
C ALA A 88 -32.29 29.66 -1.43
N CYS A 89 -31.40 30.41 -2.07
CA CYS A 89 -30.00 30.49 -1.66
C CYS A 89 -29.53 31.94 -1.52
N PRO A 90 -30.01 32.63 -0.48
CA PRO A 90 -29.56 34.00 -0.20
C PRO A 90 -28.17 34.05 0.39
N LYS A 91 -27.43 35.12 0.10
CA LYS A 91 -26.12 35.32 0.70
C LYS A 91 -26.26 35.59 2.20
N VAL A 92 -25.30 35.12 2.98
CA VAL A 92 -25.37 35.22 4.43
C VAL A 92 -24.08 35.74 5.04
N THR A 93 -24.20 36.30 6.25
CA THR A 93 -23.05 36.66 7.05
C THR A 93 -22.70 35.44 7.91
N PHE A 94 -21.43 35.07 7.92
CA PHE A 94 -21.00 33.79 8.48
C PHE A 94 -19.59 33.89 9.04
N GLU A 95 -19.49 34.08 10.36
CA GLU A 95 -18.21 34.24 11.03
C GLU A 95 -18.27 33.58 12.41
N PRO A 96 -17.56 32.46 12.61
CA PRO A 96 -17.64 31.70 13.87
C PRO A 96 -17.43 32.54 15.13
N ILE A 97 -18.18 32.21 16.19
CA ILE A 97 -17.97 32.78 17.51
C ILE A 97 -17.63 31.65 18.48
N PRO A 98 -17.03 31.99 19.64
CA PRO A 98 -16.63 30.95 20.59
C PRO A 98 -17.83 30.20 21.19
N ILE A 99 -17.70 28.88 21.31
CA ILE A 99 -18.72 28.04 21.92
C ILE A 99 -18.11 27.23 23.06
N HIS A 100 -18.72 27.31 24.24
CA HIS A 100 -18.31 26.50 25.38
C HIS A 100 -19.26 25.32 25.52
N TYR A 101 -18.70 24.14 25.78
CA TYR A 101 -19.51 22.95 26.06
C TYR A 101 -19.50 22.66 27.55
N CYS A 102 -20.70 22.52 28.12
CA CYS A 102 -20.88 22.41 29.55
C CYS A 102 -21.63 21.15 29.95
N ALA A 103 -21.29 20.59 31.10
CA ALA A 103 -21.88 19.35 31.58
C ALA A 103 -23.22 19.61 32.27
N PRO A 104 -24.27 18.85 31.92
CA PRO A 104 -25.53 19.02 32.63
C PRO A 104 -25.45 18.45 34.05
N ALA A 105 -26.51 18.61 34.83
CA ALA A 105 -26.52 18.11 36.20
C ALA A 105 -26.28 16.60 36.22
N GLY A 106 -25.50 16.15 37.21
CA GLY A 106 -25.19 14.73 37.36
C GLY A 106 -23.92 14.31 36.64
N PHE A 107 -23.35 15.23 35.86
CA PHE A 107 -22.15 14.96 35.09
C PHE A 107 -21.09 16.02 35.33
N ALA A 108 -19.86 15.73 34.93
CA ALA A 108 -18.75 16.67 35.04
C ALA A 108 -17.78 16.54 33.88
N ILE A 109 -16.93 17.55 33.72
CA ILE A 109 -15.89 17.55 32.70
C ILE A 109 -14.53 17.62 33.37
N LEU A 110 -13.73 16.57 33.17
CA LEU A 110 -12.35 16.54 33.64
C LEU A 110 -11.46 17.22 32.62
N LYS A 111 -10.43 17.91 33.11
CA LYS A 111 -9.54 18.68 32.24
C LYS A 111 -8.08 18.36 32.51
N CYS A 112 -7.44 17.71 31.54
CA CYS A 112 -6.02 17.44 31.65
C CYS A 112 -5.26 18.75 31.59
N LYS A 113 -4.42 18.98 32.60
CA LYS A 113 -3.71 20.25 32.73
C LYS A 113 -2.19 20.07 32.56
N ASP A 114 -1.75 18.82 32.44
CA ASP A 114 -0.35 18.55 32.15
C ASP A 114 -0.03 19.09 30.75
N GLU A 115 0.82 20.11 30.70
CA GLU A 115 1.10 20.80 29.44
C GLU A 115 1.87 19.93 28.46
N GLU A 116 2.51 18.88 28.97
CA GLU A 116 3.26 17.95 28.12
C GLU A 116 2.45 16.68 27.84
N PHE A 117 1.12 16.82 27.81
CA PHE A 117 0.23 15.71 27.50
C PHE A 117 0.13 15.52 25.99
N ASN A 118 0.14 14.26 25.54
CA ASN A 118 0.24 13.94 24.12
C ASN A 118 -1.09 13.49 23.49
N GLY A 119 -2.16 13.51 24.28
CA GLY A 119 -3.49 13.20 23.77
C GLY A 119 -4.05 11.87 24.23
N ILE A 120 -3.16 10.92 24.53
CA ILE A 120 -3.59 9.59 24.96
C ILE A 120 -2.69 9.07 26.09
N GLY A 121 -3.33 8.64 27.18
CA GLY A 121 -2.62 8.11 28.33
C GLY A 121 -3.02 8.82 29.61
N PRO A 122 -2.51 8.33 30.76
CA PRO A 122 -2.79 8.92 32.07
C PRO A 122 -2.41 10.39 32.18
N CYS A 123 -3.12 11.12 33.05
CA CYS A 123 -2.83 12.52 33.31
C CYS A 123 -2.81 12.74 34.82
N LYS A 124 -1.64 13.04 35.37
CA LYS A 124 -1.48 13.15 36.82
C LYS A 124 -1.90 14.52 37.35
N ASN A 125 -2.44 15.35 36.46
CA ASN A 125 -2.81 16.71 36.81
C ASN A 125 -4.20 17.05 36.28
N VAL A 126 -5.23 16.61 37.01
CA VAL A 126 -6.61 16.72 36.54
C VAL A 126 -7.39 17.74 37.36
N SER A 127 -8.29 18.45 36.69
CA SER A 127 -9.21 19.39 37.33
C SER A 127 -10.61 19.18 36.78
N THR A 128 -11.61 19.58 37.56
CA THR A 128 -13.00 19.55 37.10
C THR A 128 -13.45 20.96 36.73
N VAL A 129 -14.11 21.08 35.57
CA VAL A 129 -14.62 22.35 35.10
C VAL A 129 -16.08 22.20 34.73
N GLN A 130 -16.83 23.30 34.85
CA GLN A 130 -18.23 23.30 34.47
C GLN A 130 -18.37 23.37 32.96
N CYS A 131 -17.43 24.07 32.32
CA CYS A 131 -17.45 24.26 30.87
C CYS A 131 -16.04 24.18 30.29
N THR A 132 -15.96 23.83 29.01
CA THR A 132 -14.71 23.92 28.27
C THR A 132 -14.42 25.39 28.01
N HIS A 133 -13.23 25.68 27.49
CA HIS A 133 -12.90 27.03 27.06
C HIS A 133 -13.71 27.34 25.79
N GLY A 134 -13.73 28.60 25.40
CA GLY A 134 -14.43 29.01 24.18
C GLY A 134 -13.79 28.42 22.93
N ILE A 135 -14.61 27.79 22.10
CA ILE A 135 -14.13 27.13 20.89
C ILE A 135 -14.86 27.64 19.65
N LYS A 136 -14.10 28.15 18.70
CA LYS A 136 -14.66 28.58 17.42
C LYS A 136 -14.79 27.38 16.49
N PRO A 137 -16.02 27.00 16.10
CA PRO A 137 -16.18 25.84 15.23
C PRO A 137 -15.78 26.13 13.77
N VAL A 138 -14.49 26.35 13.55
CA VAL A 138 -14.00 26.68 12.22
C VAL A 138 -13.84 25.43 11.36
N VAL A 139 -14.53 25.43 10.22
CA VAL A 139 -14.43 24.34 9.27
C VAL A 139 -13.36 24.67 8.25
N SER A 140 -12.28 23.89 8.24
CA SER A 140 -11.21 24.09 7.29
C SER A 140 -10.39 22.81 7.13
N THR A 141 -9.56 22.78 6.10
CA THR A 141 -8.67 21.65 5.84
C THR A 141 -7.21 22.10 5.81
N GLN A 142 -6.31 21.15 6.05
CA GLN A 142 -4.86 21.37 6.05
C GLN A 142 -4.40 22.27 7.19
N LEU A 143 -4.85 23.52 7.18
CA LEU A 143 -4.51 24.48 8.22
C LEU A 143 -5.64 24.63 9.23
N LEU A 144 -5.31 24.48 10.52
CA LEU A 144 -6.25 24.79 11.60
C LEU A 144 -6.15 26.27 11.95
N LEU A 145 -7.27 26.97 11.89
CA LEU A 145 -7.31 28.41 12.07
C LEU A 145 -8.05 28.81 13.34
N ASN A 146 -7.60 29.90 13.96
CA ASN A 146 -8.35 30.52 15.05
C ASN A 146 -8.54 29.60 16.26
N GLY A 147 -7.60 28.68 16.46
CA GLY A 147 -7.69 27.71 17.55
C GLY A 147 -6.85 28.07 18.76
N SER A 148 -6.65 27.10 19.64
CA SER A 148 -5.85 27.30 20.85
C SER A 148 -4.39 26.94 20.58
N LEU A 149 -3.50 27.40 21.46
CA LEU A 149 -2.07 27.23 21.27
C LEU A 149 -1.42 26.45 22.41
N ALA A 150 -0.32 25.76 22.09
CA ALA A 150 0.49 25.11 23.11
C ALA A 150 1.21 26.18 23.93
N GLU A 151 1.61 25.81 25.14
CA GLU A 151 2.18 26.77 26.07
C GLU A 151 3.65 27.07 25.81
N LYS A 152 4.47 26.03 25.69
CA LYS A 152 5.93 26.20 25.65
C LYS A 152 6.55 25.75 24.33
N GLU A 153 6.21 24.54 23.87
CA GLU A 153 6.75 24.02 22.63
C GLU A 153 5.67 23.33 21.78
N VAL A 154 5.93 23.26 20.48
CA VAL A 154 5.01 22.63 19.53
C VAL A 154 4.70 21.20 19.97
N LYS A 155 3.47 20.78 19.71
CA LYS A 155 3.01 19.45 20.08
C LYS A 155 2.57 18.66 18.86
N ILE A 156 3.10 17.45 18.73
CA ILE A 156 2.68 16.51 17.70
C ILE A 156 1.80 15.43 18.34
N ARG A 157 0.52 15.43 18.00
CA ARG A 157 -0.42 14.46 18.55
C ARG A 157 -0.87 13.48 17.48
N CYS A 158 -0.69 12.19 17.77
CA CYS A 158 -1.03 11.13 16.83
C CYS A 158 -1.22 9.82 17.60
N GLU A 159 -2.23 9.06 17.22
CA GLU A 159 -2.52 7.79 17.89
C GLU A 159 -1.31 6.86 17.83
N ASN A 160 -0.63 6.86 16.68
CA ASN A 160 0.67 6.24 16.56
C ASN A 160 1.35 6.70 15.27
N ILE A 161 2.39 7.51 15.41
CA ILE A 161 3.04 8.13 14.27
C ILE A 161 3.90 7.14 13.47
N THR A 162 4.02 5.92 13.98
CA THR A 162 4.68 4.85 13.24
C THR A 162 3.73 4.28 12.19
N ASN A 163 2.44 4.48 12.43
CA ASN A 163 1.38 4.05 11.52
C ASN A 163 1.03 5.18 10.55
N ASN A 164 1.41 5.04 9.29
CA ASN A 164 1.25 6.11 8.31
C ASN A 164 -0.22 6.40 7.97
N ALA A 165 -1.12 5.52 8.41
CA ALA A 165 -2.54 5.68 8.14
C ALA A 165 -3.24 6.53 9.20
N LYS A 166 -2.48 7.01 10.17
CA LYS A 166 -3.03 7.83 11.24
C LYS A 166 -2.73 9.31 11.04
N THR A 167 -3.75 10.15 11.23
CA THR A 167 -3.61 11.59 11.05
C THR A 167 -2.76 12.20 12.14
N ILE A 168 -1.93 13.17 11.75
CA ILE A 168 -1.06 13.89 12.68
C ILE A 168 -1.63 15.28 12.93
N ILE A 169 -1.94 15.57 14.18
CA ILE A 169 -2.46 16.88 14.57
C ILE A 169 -1.37 17.68 15.25
N VAL A 170 -1.00 18.80 14.62
CA VAL A 170 0.03 19.68 15.15
C VAL A 170 -0.59 20.90 15.80
N GLN A 171 -0.07 21.26 16.97
CA GLN A 171 -0.47 22.48 17.66
C GLN A 171 0.74 23.39 17.82
N LEU A 172 0.63 24.59 17.25
CA LEU A 172 1.72 25.57 17.30
C LEU A 172 1.72 26.31 18.61
N VAL A 173 2.85 26.96 18.91
CA VAL A 173 2.98 27.81 20.09
C VAL A 173 2.72 29.25 19.69
N ASN A 174 3.32 29.65 18.57
CA ASN A 174 3.17 31.00 18.05
C ASN A 174 2.24 31.01 16.83
N PRO A 175 1.21 31.86 16.85
CA PRO A 175 0.32 31.88 15.69
C PRO A 175 0.97 32.49 14.46
N VAL A 176 0.64 31.96 13.29
CA VAL A 176 1.10 32.51 12.02
C VAL A 176 -0.07 33.14 11.30
N LYS A 177 -0.02 34.46 11.12
CA LYS A 177 -1.11 35.18 10.48
C LYS A 177 -1.24 34.75 9.02
N ILE A 178 -2.47 34.53 8.59
CA ILE A 178 -2.78 34.29 7.19
C ILE A 178 -3.98 35.16 6.79
N ASN A 179 -3.74 36.09 5.87
CA ASN A 179 -4.77 37.01 5.40
C ASN A 179 -5.19 36.68 3.97
N CYS A 180 -6.49 36.54 3.76
CA CYS A 180 -7.02 36.19 2.45
C CYS A 180 -7.89 37.31 1.90
N THR A 181 -7.68 37.62 0.63
CA THR A 181 -8.35 38.73 -0.01
C THR A 181 -8.89 38.35 -1.38
N ARG A 182 -10.15 38.68 -1.61
CA ARG A 182 -10.72 38.69 -2.96
C ARG A 182 -10.84 40.15 -3.37
N PRO A 183 -9.86 40.66 -4.15
CA PRO A 183 -9.82 42.09 -4.46
C PRO A 183 -11.08 42.62 -5.13
N ASN A 184 -11.25 43.94 -5.07
CA ASN A 184 -12.44 44.59 -5.59
C ASN A 184 -12.59 44.40 -7.10
N ASP A 193 -11.20 38.71 -12.58
CA ASP A 193 -12.07 37.54 -12.39
C ASP A 193 -12.62 37.52 -10.97
N ILE A 194 -13.94 37.46 -10.87
CA ILE A 194 -14.63 37.58 -9.59
C ILE A 194 -14.35 36.40 -8.66
N ARG A 195 -13.96 35.27 -9.22
CA ARG A 195 -13.68 34.06 -8.43
C ARG A 195 -12.23 34.00 -7.98
N GLN A 196 -11.42 34.97 -8.42
CA GLN A 196 -10.00 34.95 -8.14
C GLN A 196 -9.67 35.62 -6.81
N ALA A 197 -8.92 34.92 -5.97
CA ALA A 197 -8.51 35.45 -4.67
C ALA A 197 -7.11 34.96 -4.33
N HIS A 198 -6.62 35.33 -3.16
CA HIS A 198 -5.28 34.92 -2.74
C HIS A 198 -5.07 35.14 -1.25
N CYS A 199 -4.13 34.40 -0.67
CA CYS A 199 -3.76 34.56 0.73
C CYS A 199 -2.31 35.05 0.85
N ASN A 200 -2.03 35.78 1.93
CA ASN A 200 -0.68 36.23 2.23
C ASN A 200 -0.19 35.65 3.56
N VAL A 201 1.07 35.21 3.58
CA VAL A 201 1.68 34.68 4.79
C VAL A 201 3.12 35.18 4.91
N ASN A 202 3.50 35.61 6.11
CA ASN A 202 4.85 36.04 6.39
C ASN A 202 5.81 34.86 6.29
N ARG A 203 6.75 34.93 5.35
CA ARG A 203 7.64 33.81 5.08
C ARG A 203 8.59 33.51 6.25
N THR A 204 9.06 34.55 6.92
CA THR A 204 9.95 34.36 8.05
C THR A 204 9.21 33.64 9.19
N GLU A 205 7.99 34.09 9.49
CA GLU A 205 7.19 33.47 10.52
C GLU A 205 6.88 32.01 10.19
N TRP A 206 6.75 31.71 8.90
CA TRP A 206 6.40 30.36 8.46
C TRP A 206 7.60 29.42 8.48
N ASN A 207 8.77 29.91 8.05
CA ASN A 207 9.97 29.09 8.11
C ASN A 207 10.35 28.81 9.56
N ASN A 208 10.13 29.80 10.42
CA ASN A 208 10.38 29.62 11.85
C ASN A 208 9.40 28.62 12.45
N THR A 209 8.22 28.52 11.85
CA THR A 209 7.20 27.60 12.31
C THR A 209 7.56 26.16 11.92
N LEU A 210 7.95 25.97 10.66
CA LEU A 210 8.36 24.66 10.18
C LEU A 210 9.58 24.16 10.95
N HIS A 211 10.46 25.09 11.30
CA HIS A 211 11.63 24.77 12.10
C HIS A 211 11.23 24.10 13.42
N GLN A 212 10.30 24.72 14.14
CA GLN A 212 9.83 24.19 15.41
C GLN A 212 9.17 22.83 15.22
N VAL A 213 8.40 22.68 14.14
CA VAL A 213 7.72 21.44 13.85
C VAL A 213 8.71 20.31 13.57
N VAL A 214 9.79 20.64 12.86
CA VAL A 214 10.83 19.66 12.56
C VAL A 214 11.52 19.16 13.82
N GLU A 215 11.74 20.07 14.76
CA GLU A 215 12.41 19.73 16.02
C GLU A 215 11.63 18.67 16.78
N GLN A 216 10.30 18.80 16.78
CA GLN A 216 9.45 17.85 17.48
C GLN A 216 9.31 16.55 16.70
N LEU A 217 9.33 16.64 15.37
CA LEU A 217 9.24 15.46 14.52
C LEU A 217 10.53 14.66 14.55
N ARG A 218 11.65 15.35 14.82
CA ARG A 218 12.94 14.69 14.89
C ARG A 218 13.05 13.79 16.12
N LYS A 219 12.19 14.02 17.10
CA LYS A 219 12.15 13.19 18.30
C LYS A 219 11.59 11.81 17.98
N HIS A 220 10.88 11.70 16.86
CA HIS A 220 10.32 10.43 16.41
C HIS A 220 11.14 9.85 15.26
N PHE A 221 11.60 10.74 14.37
CA PHE A 221 12.37 10.33 13.20
C PHE A 221 13.63 11.17 13.07
N ASN A 222 14.76 10.63 13.50
CA ASN A 222 16.03 11.33 13.30
C ASN A 222 16.49 11.11 11.86
N LYS A 223 15.75 11.71 10.94
CA LYS A 223 16.07 11.68 9.51
C LYS A 223 15.92 13.08 8.95
N THR A 224 16.19 13.23 7.66
CA THR A 224 15.92 14.49 6.99
C THR A 224 14.41 14.64 6.85
N ILE A 225 13.87 15.68 7.45
CA ILE A 225 12.43 15.92 7.41
C ILE A 225 12.07 16.78 6.19
N ASN A 226 11.15 16.27 5.37
CA ASN A 226 10.70 16.99 4.18
C ASN A 226 9.22 17.35 4.27
N PHE A 227 8.88 18.52 3.74
CA PHE A 227 7.48 18.94 3.60
C PHE A 227 7.15 19.05 2.12
N ALA A 228 6.12 18.32 1.71
CA ALA A 228 5.64 18.36 0.33
C ALA A 228 4.14 18.64 0.33
N ASN A 229 3.60 18.94 -0.84
CA ASN A 229 2.19 19.31 -0.95
C ASN A 229 1.31 18.08 -1.11
N SER A 230 0.00 18.29 -1.06
CA SER A 230 -0.95 17.19 -1.18
C SER A 230 -0.81 16.52 -2.54
N THR A 231 -0.88 15.19 -2.54
CA THR A 231 -0.59 14.42 -3.74
C THR A 231 -1.83 13.79 -4.38
N GLY A 232 -3.01 14.08 -3.83
CA GLY A 232 -4.24 13.56 -4.42
C GLY A 232 -5.48 13.77 -3.58
N GLY A 233 -6.63 13.57 -4.21
CA GLY A 233 -7.92 13.67 -3.53
C GLY A 233 -8.78 14.78 -4.09
N ASP A 234 -9.97 14.93 -3.52
CA ASP A 234 -10.88 15.99 -3.92
C ASP A 234 -10.27 17.36 -3.62
N LEU A 235 -10.81 18.40 -4.23
CA LEU A 235 -10.22 19.73 -4.12
C LEU A 235 -10.25 20.24 -2.68
N GLU A 236 -11.24 19.80 -1.91
CA GLU A 236 -11.38 20.25 -0.52
C GLU A 236 -10.18 19.87 0.33
N ILE A 237 -9.50 18.78 0.00
CA ILE A 237 -8.40 18.30 0.84
C ILE A 237 -7.02 18.49 0.18
N THR A 238 -6.99 18.72 -1.13
CA THR A 238 -5.73 19.00 -1.82
C THR A 238 -5.38 20.48 -1.73
N THR A 239 -6.30 21.28 -1.19
CA THR A 239 -6.05 22.69 -0.97
C THR A 239 -6.41 23.08 0.45
N HIS A 240 -5.93 24.24 0.90
CA HIS A 240 -6.41 24.83 2.14
C HIS A 240 -7.77 25.43 1.84
N SER A 241 -8.82 24.74 2.28
CA SER A 241 -10.19 25.15 2.01
C SER A 241 -10.83 25.69 3.27
N PHE A 242 -11.62 26.75 3.12
CA PHE A 242 -12.28 27.40 4.24
C PHE A 242 -13.37 28.32 3.69
N ASN A 243 -14.07 28.99 4.59
CA ASN A 243 -15.13 29.92 4.17
C ASN A 243 -14.94 31.31 4.77
N CYS A 244 -15.14 32.32 3.95
CA CYS A 244 -15.06 33.71 4.37
C CYS A 244 -16.10 34.55 3.65
N GLY A 245 -16.82 35.39 4.41
CA GLY A 245 -17.84 36.23 3.83
C GLY A 245 -18.96 35.45 3.17
N GLY A 246 -19.15 34.21 3.63
CA GLY A 246 -20.20 33.35 3.08
C GLY A 246 -19.76 32.61 1.83
N GLU A 247 -18.54 32.90 1.36
CA GLU A 247 -18.01 32.29 0.15
C GLU A 247 -17.03 31.18 0.50
N PHE A 248 -16.84 30.23 -0.41
CA PHE A 248 -15.96 29.09 -0.17
C PHE A 248 -14.63 29.24 -0.90
N PHE A 249 -13.56 29.37 -0.11
CA PHE A 249 -12.21 29.52 -0.65
C PHE A 249 -11.48 28.19 -0.77
N TYR A 250 -10.72 28.05 -1.85
CA TYR A 250 -9.84 26.90 -2.06
C TYR A 250 -8.46 27.40 -2.42
N CYS A 251 -7.51 27.26 -1.49
CA CYS A 251 -6.19 27.88 -1.64
C CYS A 251 -5.06 26.86 -1.80
N ASN A 252 -4.33 27.01 -2.90
CA ASN A 252 -3.14 26.23 -3.19
C ASN A 252 -2.05 26.48 -2.14
N THR A 253 -1.65 25.41 -1.44
CA THR A 253 -0.66 25.53 -0.35
C THR A 253 0.72 24.99 -0.74
N THR A 254 0.98 24.86 -2.03
CA THR A 254 2.26 24.34 -2.50
C THR A 254 3.42 25.19 -1.97
N ASN A 255 3.23 26.50 -1.91
CA ASN A 255 4.28 27.41 -1.46
C ASN A 255 4.53 27.31 0.04
N LEU A 256 3.61 26.68 0.77
CA LEU A 256 3.76 26.49 2.21
C LEU A 256 4.51 25.18 2.52
N PHE A 257 4.31 24.18 1.67
CA PHE A 257 4.86 22.85 1.92
C PHE A 257 5.76 22.40 0.77
N ASN A 258 7.00 22.86 0.80
CA ASN A 258 8.00 22.52 -0.21
C ASN A 258 9.37 22.92 0.32
N SER A 259 9.92 22.10 1.20
CA SER A 259 11.18 22.41 1.87
C SER A 259 11.87 21.17 2.43
N THR A 260 13.19 21.21 2.46
CA THR A 260 14.02 20.15 3.03
C THR A 260 14.71 20.67 4.28
N TRP A 261 14.87 19.82 5.29
CA TRP A 261 15.48 20.20 6.56
C TRP A 261 16.46 19.12 7.04
N ASN A 262 17.76 19.42 6.94
CA ASN A 262 18.80 18.49 7.39
C ASN A 262 19.42 18.92 8.72
N ASP A 274 10.15 37.76 4.37
CA ASP A 274 9.58 37.97 3.04
C ASP A 274 8.09 37.62 3.06
N THR A 275 7.49 37.51 1.87
CA THR A 275 6.05 37.25 1.76
C THR A 275 5.73 36.02 0.90
N ILE A 276 4.85 35.18 1.41
CA ILE A 276 4.33 34.04 0.66
C ILE A 276 2.92 34.37 0.16
N ILE A 277 2.69 34.16 -1.14
CA ILE A 277 1.37 34.41 -1.72
C ILE A 277 0.76 33.09 -2.19
N LEU A 278 -0.41 32.76 -1.66
CA LEU A 278 -1.12 31.54 -2.02
C LEU A 278 -2.29 31.85 -2.95
N PRO A 279 -2.25 31.34 -4.20
CA PRO A 279 -3.38 31.62 -5.10
C PRO A 279 -4.64 30.85 -4.70
N CYS A 280 -5.78 31.55 -4.67
CA CYS A 280 -7.04 30.96 -4.25
C CYS A 280 -8.10 31.08 -5.34
N ARG A 281 -9.13 30.25 -5.24
CA ARG A 281 -10.30 30.36 -6.10
C ARG A 281 -11.56 30.22 -5.27
N ILE A 282 -12.54 31.07 -5.55
CA ILE A 282 -13.86 30.96 -4.94
C ILE A 282 -14.72 30.05 -5.80
N LYS A 283 -15.26 29.00 -5.19
CA LYS A 283 -16.05 28.00 -5.92
C LYS A 283 -17.52 28.03 -5.51
N GLN A 284 -18.38 27.74 -6.49
CA GLN A 284 -19.82 27.67 -6.26
C GLN A 284 -20.23 26.22 -6.03
N ILE A 285 -19.53 25.31 -6.70
CA ILE A 285 -19.79 23.88 -6.62
C ILE A 285 -18.80 23.22 -5.69
N ILE A 286 -19.28 22.69 -4.57
CA ILE A 286 -18.40 22.14 -3.54
C ILE A 286 -18.83 20.73 -3.13
N ASN A 287 -17.91 20.02 -2.49
CA ASN A 287 -18.21 18.74 -1.86
C ASN A 287 -18.49 18.93 -0.39
N MET A 288 -19.61 18.38 0.07
CA MET A 288 -20.11 18.60 1.40
C MET A 288 -19.29 17.82 2.45
N TRP A 289 -18.96 18.47 3.56
CA TRP A 289 -18.18 17.82 4.61
C TRP A 289 -19.06 17.12 5.63
N GLN A 290 -20.31 17.56 5.74
CA GLN A 290 -21.24 16.95 6.70
C GLN A 290 -21.61 15.54 6.27
N ARG A 291 -21.81 15.36 4.97
CA ARG A 291 -22.23 14.08 4.41
C ARG A 291 -21.76 13.98 2.96
N VAL A 292 -21.89 12.80 2.37
CA VAL A 292 -21.49 12.60 0.98
C VAL A 292 -22.47 13.26 0.02
N GLY A 293 -21.98 14.22 -0.76
CA GLY A 293 -22.79 14.88 -1.76
C GLY A 293 -22.21 16.21 -2.20
N GLN A 294 -22.68 16.71 -3.33
CA GLN A 294 -22.26 18.01 -3.85
C GLN A 294 -23.31 19.07 -3.54
N ALA A 295 -22.87 20.32 -3.44
CA ALA A 295 -23.77 21.45 -3.19
C ALA A 295 -23.36 22.64 -4.06
N MET A 296 -24.35 23.30 -4.64
CA MET A 296 -24.12 24.46 -5.48
C MET A 296 -24.64 25.73 -4.81
N TYR A 297 -23.79 26.74 -4.74
CA TYR A 297 -24.17 28.04 -4.18
C TYR A 297 -24.20 29.10 -5.27
N ALA A 298 -24.77 30.25 -4.95
CA ALA A 298 -24.90 31.34 -5.91
C ALA A 298 -23.54 31.95 -6.24
N PRO A 299 -23.47 32.72 -7.34
CA PRO A 299 -22.22 33.39 -7.71
C PRO A 299 -21.68 34.28 -6.60
N PRO A 300 -20.36 34.53 -6.57
CA PRO A 300 -19.79 35.30 -5.47
C PRO A 300 -20.33 36.73 -5.39
N ILE A 301 -20.34 37.28 -4.19
CA ILE A 301 -20.71 38.68 -3.99
C ILE A 301 -19.65 39.60 -4.58
N ARG A 302 -20.07 40.81 -4.96
CA ARG A 302 -19.14 41.81 -5.45
C ARG A 302 -18.42 42.47 -4.28
N GLY A 303 -17.73 43.57 -4.54
CA GLY A 303 -16.97 44.25 -3.50
C GLY A 303 -15.71 43.50 -3.12
N VAL A 304 -15.25 43.71 -1.89
CA VAL A 304 -14.05 43.06 -1.37
C VAL A 304 -14.41 42.03 -0.31
N ILE A 305 -13.87 40.82 -0.47
CA ILE A 305 -14.01 39.77 0.54
C ILE A 305 -12.66 39.63 1.25
N ARG A 306 -12.70 39.62 2.58
CA ARG A 306 -11.51 39.78 3.39
C ARG A 306 -11.57 38.95 4.67
N CYS A 307 -10.60 38.07 4.85
CA CYS A 307 -10.46 37.27 6.06
C CYS A 307 -9.06 37.40 6.65
N GLU A 308 -8.98 37.78 7.93
CA GLU A 308 -7.72 37.83 8.65
C GLU A 308 -7.74 36.76 9.74
N SER A 309 -6.91 35.73 9.58
CA SER A 309 -6.93 34.57 10.48
C SER A 309 -5.56 34.29 11.08
N ASN A 310 -5.53 33.37 12.04
CA ASN A 310 -4.30 32.85 12.63
C ASN A 310 -4.18 31.35 12.44
N ILE A 311 -3.09 30.91 11.82
CA ILE A 311 -2.77 29.50 11.77
C ILE A 311 -2.29 29.10 13.16
N THR A 312 -3.01 28.18 13.80
CA THR A 312 -2.66 27.73 15.15
C THR A 312 -2.39 26.23 15.21
N GLY A 313 -2.55 25.54 14.09
CA GLY A 313 -2.31 24.11 14.03
C GLY A 313 -2.25 23.57 12.61
N LEU A 314 -1.85 22.32 12.47
CA LEU A 314 -1.77 21.66 11.17
C LEU A 314 -2.28 20.24 11.23
N ILE A 315 -2.78 19.75 10.10
CA ILE A 315 -3.11 18.33 9.94
C ILE A 315 -2.17 17.75 8.90
N LEU A 316 -1.39 16.77 9.30
CA LEU A 316 -0.35 16.21 8.44
C LEU A 316 -0.52 14.71 8.22
N THR A 317 0.03 14.23 7.11
CA THR A 317 0.11 12.80 6.81
C THR A 317 1.54 12.48 6.41
N ARG A 318 2.07 11.40 6.96
CA ARG A 318 3.45 11.00 6.69
C ARG A 318 3.49 9.94 5.60
N ASP A 319 4.37 10.15 4.61
CA ASP A 319 4.51 9.20 3.51
C ASP A 319 4.97 7.85 4.03
N GLY A 320 4.27 6.80 3.62
CA GLY A 320 4.68 5.43 3.90
C GLY A 320 5.74 5.01 2.90
N GLY A 321 6.22 3.77 3.03
CA GLY A 321 7.26 3.26 2.17
C GLY A 321 8.25 2.45 2.97
N ASN A 322 8.24 1.14 2.75
CA ASN A 322 9.06 0.22 3.54
C ASN A 322 10.48 0.11 2.99
N THR A 323 11.14 1.25 2.85
CA THR A 323 12.56 1.29 2.55
C THR A 323 13.26 2.15 3.58
N ASN A 324 14.47 1.74 3.97
CA ASN A 324 15.26 2.51 4.93
C ASN A 324 15.88 3.75 4.28
N SER A 325 15.02 4.57 3.68
CA SER A 325 15.48 5.80 3.03
C SER A 325 15.97 6.79 4.08
N THR A 326 16.65 7.82 3.62
CA THR A 326 17.28 8.78 4.53
C THR A 326 16.36 9.96 4.83
N ARG A 327 15.06 9.77 4.64
CA ARG A 327 14.11 10.88 4.81
C ARG A 327 12.73 10.44 5.25
N GLU A 328 12.03 11.36 5.90
CA GLU A 328 10.60 11.23 6.15
C GLU A 328 9.92 12.45 5.55
N THR A 329 8.81 12.20 4.84
CA THR A 329 8.09 13.26 4.15
C THR A 329 6.69 13.44 4.74
N PHE A 330 6.32 14.69 4.97
CA PHE A 330 5.02 15.04 5.55
C PHE A 330 4.25 15.96 4.61
N ARG A 331 2.97 15.66 4.43
CA ARG A 331 2.10 16.44 3.56
C ARG A 331 0.86 16.91 4.34
N PRO A 332 0.27 18.03 3.92
CA PRO A 332 -0.97 18.46 4.58
C PRO A 332 -2.12 17.50 4.30
N GLY A 333 -2.95 17.24 5.31
CA GLY A 333 -4.06 16.31 5.18
C GLY A 333 -5.35 16.89 5.72
N GLY A 334 -6.18 16.03 6.29
CA GLY A 334 -7.45 16.44 6.86
C GLY A 334 -8.62 16.07 5.98
N GLY A 335 -9.75 16.74 6.21
CA GLY A 335 -10.99 16.45 5.50
C GLY A 335 -12.05 15.99 6.48
N ASP A 336 -11.63 15.19 7.45
CA ASP A 336 -12.52 14.76 8.53
C ASP A 336 -12.51 15.80 9.63
N MET A 337 -13.55 16.62 9.67
CA MET A 337 -13.61 17.78 10.56
C MET A 337 -13.59 17.38 12.03
N ARG A 338 -13.86 16.12 12.31
CA ARG A 338 -13.79 15.64 13.70
C ARG A 338 -12.39 15.88 14.25
N ASP A 339 -11.39 15.83 13.38
CA ASP A 339 -10.01 16.10 13.76
C ASP A 339 -9.84 17.56 14.19
N ASN A 340 -10.59 18.46 13.57
CA ASN A 340 -10.54 19.88 13.94
C ASN A 340 -11.06 20.07 15.36
N TRP A 341 -12.20 19.44 15.65
CA TRP A 341 -12.78 19.53 16.99
C TRP A 341 -11.85 18.87 17.99
N ARG A 342 -11.17 17.81 17.53
CA ARG A 342 -10.26 17.04 18.37
C ARG A 342 -9.09 17.90 18.86
N SER A 343 -8.65 18.83 18.03
CA SER A 343 -7.49 19.67 18.35
C SER A 343 -7.80 20.66 19.47
N GLU A 344 -9.07 20.79 19.81
CA GLU A 344 -9.51 21.69 20.87
C GLU A 344 -10.02 20.94 22.10
N LEU A 345 -10.62 19.78 21.87
CA LEU A 345 -11.27 19.01 22.93
C LEU A 345 -10.36 17.92 23.51
N TYR A 346 -9.13 17.84 23.02
CA TYR A 346 -8.22 16.76 23.39
C TYR A 346 -7.98 16.65 24.89
N LYS A 347 -8.14 17.75 25.60
CA LYS A 347 -7.82 17.79 27.03
C LYS A 347 -9.01 17.49 27.93
N TYR A 348 -10.17 17.24 27.32
CA TYR A 348 -11.41 17.07 28.07
C TYR A 348 -11.97 15.66 27.99
N LYS A 349 -12.78 15.31 28.99
CA LYS A 349 -13.59 14.09 28.96
C LYS A 349 -14.78 14.24 29.91
N VAL A 350 -15.90 13.63 29.55
CA VAL A 350 -17.11 13.68 30.36
C VAL A 350 -17.14 12.49 31.32
N VAL A 351 -17.67 12.71 32.51
CA VAL A 351 -17.70 11.69 33.55
C VAL A 351 -19.02 11.72 34.32
N LYS A 352 -19.50 10.54 34.70
CA LYS A 352 -20.72 10.42 35.50
C LYS A 352 -20.40 10.53 36.99
N ILE A 353 -21.35 11.06 37.75
CA ILE A 353 -21.18 11.25 39.19
C ILE A 353 -22.21 10.43 39.96
N GLU A 354 -21.84 10.03 41.17
CA GLU A 354 -22.70 9.23 42.03
C GLU A 354 -23.92 10.02 42.49
N GLN B 1 -21.43 -10.49 2.24
CA GLN B 1 -19.97 -10.72 2.44
C GLN B 1 -19.18 -9.89 1.44
N HIS B 2 -17.93 -9.60 1.78
CA HIS B 2 -17.08 -8.72 0.97
C HIS B 2 -16.63 -9.39 -0.31
N SER B 3 -16.64 -8.63 -1.40
CA SER B 3 -16.14 -9.11 -2.68
C SER B 3 -15.31 -8.03 -3.34
N GLN B 4 -14.07 -8.36 -3.67
CA GLN B 4 -13.16 -7.46 -4.37
C GLN B 4 -12.91 -7.98 -5.78
N VAL B 5 -13.62 -7.42 -6.74
CA VAL B 5 -13.56 -7.89 -8.12
C VAL B 5 -12.62 -7.01 -8.94
N GLN B 6 -11.47 -7.58 -9.32
CA GLN B 6 -10.47 -6.84 -10.07
C GLN B 6 -10.57 -7.10 -11.57
N SER B 7 -10.14 -6.11 -12.36
CA SER B 7 -10.19 -6.20 -13.82
C SER B 7 -9.21 -7.23 -14.35
N GLY B 8 -9.32 -7.51 -15.65
CA GLY B 8 -8.53 -8.58 -16.26
C GLY B 8 -7.12 -8.19 -16.62
N THR B 9 -6.33 -9.19 -17.03
CA THR B 9 -4.94 -8.99 -17.42
C THR B 9 -4.81 -7.93 -18.49
N GLN B 10 -3.73 -7.16 -18.42
CA GLN B 10 -3.48 -6.13 -19.41
C GLN B 10 -2.02 -6.14 -19.87
N ILE B 11 -1.84 -6.15 -21.18
CA ILE B 11 -0.52 -6.14 -21.79
C ILE B 11 -0.26 -4.76 -22.38
N LYS B 12 0.80 -4.11 -21.93
CA LYS B 12 1.08 -2.72 -22.31
C LYS B 12 2.48 -2.54 -22.89
N THR B 13 2.60 -1.56 -23.77
CA THR B 13 3.89 -1.20 -24.35
C THR B 13 4.63 -0.28 -23.38
N PRO B 14 5.97 -0.28 -23.41
CA PRO B 14 6.70 0.61 -22.50
C PRO B 14 6.38 2.09 -22.72
N GLY B 15 6.26 2.83 -21.62
CA GLY B 15 5.97 4.25 -21.68
C GLY B 15 4.48 4.54 -21.61
N ALA B 16 3.67 3.50 -21.81
CA ALA B 16 2.23 3.66 -21.79
C ALA B 16 1.73 3.77 -20.35
N SER B 17 0.45 4.10 -20.22
CA SER B 17 -0.21 4.09 -18.91
C SER B 17 -1.31 3.04 -18.89
N VAL B 18 -1.64 2.56 -17.70
CA VAL B 18 -2.69 1.58 -17.53
C VAL B 18 -3.53 1.92 -16.31
N THR B 19 -4.84 1.69 -16.40
CA THR B 19 -5.74 1.89 -15.27
C THR B 19 -6.37 0.56 -14.85
N LEU B 20 -6.14 0.18 -13.61
CA LEU B 20 -6.71 -1.02 -13.03
C LEU B 20 -7.91 -0.64 -12.18
N SER B 21 -8.90 -1.53 -12.12
CA SER B 21 -10.13 -1.26 -11.35
C SER B 21 -10.39 -2.35 -10.32
N CYS B 22 -11.03 -1.95 -9.23
CA CYS B 22 -11.39 -2.84 -8.15
C CYS B 22 -12.81 -2.56 -7.70
N GLY B 23 -13.75 -3.35 -8.20
CA GLY B 23 -15.14 -3.22 -7.81
C GLY B 23 -15.35 -3.85 -6.44
N THR B 24 -15.98 -3.09 -5.54
CA THR B 24 -16.22 -3.55 -4.18
C THR B 24 -17.71 -3.76 -3.94
N SER B 25 -18.03 -4.67 -3.03
CA SER B 25 -19.41 -4.92 -2.62
C SER B 25 -19.42 -5.67 -1.30
N GLY B 26 -20.58 -5.71 -0.65
CA GLY B 26 -20.73 -6.40 0.61
C GLY B 26 -20.52 -5.53 1.84
N TYR B 27 -20.31 -4.23 1.61
CA TYR B 27 -20.11 -3.29 2.71
C TYR B 27 -20.23 -1.84 2.24
N ASP B 28 -20.31 -0.92 3.20
CA ASP B 28 -20.32 0.51 2.90
C ASP B 28 -18.93 0.93 2.43
N PHE B 29 -18.86 1.32 1.17
CA PHE B 29 -17.58 1.65 0.53
C PHE B 29 -16.85 2.78 1.26
N MET B 30 -17.61 3.68 1.88
CA MET B 30 -17.03 4.85 2.55
C MET B 30 -16.31 4.50 3.85
N GLU B 31 -16.50 3.30 4.36
CA GLU B 31 -16.09 2.97 5.73
C GLU B 31 -14.66 2.42 5.89
N SER B 32 -14.03 1.98 4.80
CA SER B 32 -12.70 1.40 4.89
C SER B 32 -11.72 1.94 3.86
N LEU B 33 -10.46 2.05 4.26
CA LEU B 33 -9.41 2.47 3.35
C LEU B 33 -9.12 1.37 2.35
N ILE B 34 -8.86 1.77 1.10
CA ILE B 34 -8.45 0.85 0.06
C ILE B 34 -6.94 0.90 -0.10
N ASN B 35 -6.31 -0.27 -0.09
CA ASN B 35 -4.88 -0.38 -0.31
C ASN B 35 -4.61 -1.10 -1.62
N TRP B 36 -3.45 -0.82 -2.21
CA TRP B 36 -2.99 -1.57 -3.37
C TRP B 36 -1.63 -2.18 -3.05
N VAL B 37 -1.49 -3.45 -3.40
CA VAL B 37 -0.26 -4.20 -3.15
C VAL B 37 0.25 -4.82 -4.43
N ARG B 38 1.53 -4.64 -4.69
CA ARG B 38 2.18 -5.20 -5.86
C ARG B 38 2.96 -6.45 -5.45
N GLN B 39 2.96 -7.46 -6.31
CA GLN B 39 3.81 -8.61 -6.10
C GLN B 39 4.48 -9.01 -7.41
N GLU B 40 5.79 -8.80 -7.44
CA GLU B 40 6.62 -9.26 -8.54
C GLU B 40 6.76 -10.77 -8.40
N ILE B 41 6.80 -11.48 -9.52
CA ILE B 41 6.77 -12.95 -9.47
C ILE B 41 7.92 -13.51 -8.63
N GLY B 42 7.59 -14.41 -7.72
CA GLY B 42 8.58 -15.05 -6.87
C GLY B 42 9.11 -14.16 -5.75
N LYS B 43 8.51 -12.98 -5.59
CA LYS B 43 8.95 -12.01 -4.59
C LYS B 43 7.86 -11.74 -3.56
N ARG B 44 8.19 -10.91 -2.56
CA ARG B 44 7.27 -10.62 -1.47
C ARG B 44 6.24 -9.58 -1.89
N PRO B 45 5.13 -9.50 -1.14
CA PRO B 45 4.16 -8.43 -1.38
C PRO B 45 4.76 -7.06 -1.03
N GLU B 46 4.47 -6.05 -1.85
CA GLU B 46 4.94 -4.69 -1.60
C GLU B 46 3.78 -3.71 -1.65
N TRP B 47 3.61 -2.98 -0.56
CA TRP B 47 2.56 -1.97 -0.41
C TRP B 47 2.83 -0.75 -1.28
N LEU B 48 1.82 -0.31 -2.04
CA LEU B 48 1.97 0.82 -2.96
C LEU B 48 1.40 2.11 -2.38
N GLY B 49 0.31 1.98 -1.64
CA GLY B 49 -0.34 3.13 -1.05
C GLY B 49 -1.73 2.80 -0.55
N TRP B 50 -2.33 3.72 0.20
CA TRP B 50 -3.75 3.60 0.55
C TRP B 50 -4.53 4.82 0.09
N MET B 51 -5.84 4.66 0.00
CA MET B 51 -6.74 5.72 -0.44
C MET B 51 -8.02 5.69 0.40
N ASN B 52 -8.41 6.87 0.89
CA ASN B 52 -9.65 7.02 1.65
C ASN B 52 -10.77 7.41 0.70
N PRO B 53 -11.77 6.53 0.52
CA PRO B 53 -12.84 6.84 -0.43
C PRO B 53 -13.66 8.07 -0.03
N ARG B 54 -13.62 8.43 1.25
CA ARG B 54 -14.26 9.65 1.73
C ARG B 54 -13.28 10.82 1.60
N GLY B 55 -13.41 11.58 0.52
CA GLY B 55 -12.50 12.68 0.22
C GLY B 55 -11.49 12.33 -0.86
N GLY B 56 -11.09 11.06 -0.91
CA GLY B 56 -10.17 10.59 -1.93
C GLY B 56 -8.71 10.83 -1.58
N GLY B 57 -8.45 11.19 -0.33
CA GLY B 57 -7.09 11.39 0.14
C GLY B 57 -6.27 10.13 -0.01
N VAL B 58 -4.96 10.29 -0.17
CA VAL B 58 -4.09 9.16 -0.47
C VAL B 58 -2.78 9.23 0.30
N ASN B 59 -2.04 8.12 0.25
CA ASN B 59 -0.70 8.02 0.81
C ASN B 59 0.08 7.00 0.00
N TYR B 60 0.95 7.49 -0.87
CA TYR B 60 1.74 6.63 -1.75
C TYR B 60 3.09 6.31 -1.14
N ALA B 61 3.52 5.05 -1.29
CA ALA B 61 4.85 4.64 -0.86
C ALA B 61 5.90 5.51 -1.53
N GLN B 62 6.98 5.81 -0.81
CA GLN B 62 7.98 6.77 -1.27
C GLN B 62 8.48 6.50 -2.68
N ARG B 63 8.88 5.26 -2.96
CA ARG B 63 9.54 4.97 -4.22
C ARG B 63 8.54 4.79 -5.37
N PHE B 64 7.25 4.92 -5.06
CA PHE B 64 6.20 4.87 -6.09
C PHE B 64 5.56 6.24 -6.31
N GLN B 65 6.04 7.25 -5.60
CA GLN B 65 5.61 8.62 -5.83
C GLN B 65 5.92 9.01 -7.27
N GLY B 66 4.89 9.39 -8.02
CA GLY B 66 5.05 9.74 -9.42
C GLY B 66 4.71 8.60 -10.35
N LYS B 67 4.62 7.39 -9.79
CA LYS B 67 4.30 6.20 -10.57
C LYS B 67 2.81 5.85 -10.48
N VAL B 68 2.24 5.96 -9.28
CA VAL B 68 0.87 5.52 -9.04
C VAL B 68 -0.10 6.69 -8.84
N THR B 69 -1.37 6.43 -9.13
CA THR B 69 -2.45 7.38 -8.90
C THR B 69 -3.69 6.60 -8.47
N MET B 70 -4.21 6.92 -7.28
CA MET B 70 -5.35 6.20 -6.73
C MET B 70 -6.59 7.09 -6.66
N THR B 71 -7.67 6.63 -7.30
CA THR B 71 -8.92 7.38 -7.34
C THR B 71 -10.09 6.44 -7.08
N ARG B 72 -11.31 6.99 -7.03
CA ARG B 72 -12.48 6.15 -6.82
C ARG B 72 -13.75 6.76 -7.38
N ASP B 73 -14.70 5.87 -7.68
CA ASP B 73 -16.06 6.26 -8.04
C ASP B 73 -16.97 5.92 -6.87
N VAL B 74 -17.44 6.94 -6.17
CA VAL B 74 -18.23 6.77 -4.96
C VAL B 74 -19.57 6.06 -5.23
N SER B 75 -20.20 6.39 -6.35
CA SER B 75 -21.50 5.84 -6.69
C SER B 75 -21.44 4.34 -6.90
N SER B 76 -20.45 3.88 -7.68
CA SER B 76 -20.35 2.48 -8.04
C SER B 76 -19.52 1.67 -7.03
N GLY B 77 -18.94 2.36 -6.05
CA GLY B 77 -18.09 1.71 -5.08
C GLY B 77 -16.89 1.04 -5.72
N THR B 78 -16.28 1.73 -6.68
CA THR B 78 -15.15 1.19 -7.44
C THR B 78 -13.88 2.00 -7.19
N ALA B 79 -12.79 1.30 -6.88
CA ALA B 79 -11.49 1.92 -6.69
C ALA B 79 -10.62 1.71 -7.91
N TYR B 80 -9.75 2.68 -8.20
CA TYR B 80 -8.92 2.64 -9.39
C TYR B 80 -7.45 2.89 -9.08
N LEU B 81 -6.59 2.17 -9.80
CA LEU B 81 -5.15 2.35 -9.74
C LEU B 81 -4.60 2.59 -11.13
N THR B 82 -3.99 3.76 -11.31
CA THR B 82 -3.37 4.12 -12.58
C THR B 82 -1.85 4.12 -12.43
N LEU B 83 -1.17 3.45 -13.35
CA LEU B 83 0.28 3.42 -13.43
C LEU B 83 0.73 4.10 -14.72
N ARG B 84 1.62 5.07 -14.62
CA ARG B 84 2.11 5.78 -15.81
C ARG B 84 3.61 5.58 -16.02
N GLY B 85 4.04 5.74 -17.26
CA GLY B 85 5.45 5.56 -17.62
C GLY B 85 5.90 4.14 -17.40
N LEU B 86 5.10 3.19 -17.87
CA LEU B 86 5.36 1.78 -17.62
C LEU B 86 6.70 1.32 -18.18
N THR B 87 7.42 0.53 -17.37
CA THR B 87 8.65 -0.13 -17.81
C THR B 87 8.53 -1.61 -17.50
N SER B 88 9.52 -2.39 -17.94
CA SER B 88 9.51 -3.83 -17.72
C SER B 88 9.55 -4.16 -16.23
N ASP B 89 10.07 -3.22 -15.44
CA ASP B 89 10.12 -3.37 -13.99
C ASP B 89 8.73 -3.36 -13.37
N ASP B 90 7.76 -2.79 -14.07
CA ASP B 90 6.39 -2.70 -13.56
C ASP B 90 5.60 -3.98 -13.82
N THR B 91 6.19 -4.91 -14.56
CA THR B 91 5.57 -6.20 -14.80
C THR B 91 5.38 -6.92 -13.48
N ALA B 92 4.13 -7.09 -13.08
CA ALA B 92 3.81 -7.66 -11.79
C ALA B 92 2.32 -7.93 -11.64
N LYS B 93 1.96 -8.56 -10.53
CA LYS B 93 0.56 -8.76 -10.16
C LYS B 93 0.17 -7.67 -9.16
N TYR B 94 -0.97 -7.04 -9.41
CA TYR B 94 -1.42 -5.91 -8.58
C TYR B 94 -2.71 -6.24 -7.84
N TYR B 95 -2.64 -6.23 -6.51
CA TYR B 95 -3.77 -6.59 -5.66
C TYR B 95 -4.47 -5.38 -5.06
N CYS B 96 -5.80 -5.41 -5.07
CA CYS B 96 -6.63 -4.49 -4.32
C CYS B 96 -6.95 -5.18 -2.98
N VAL B 97 -6.84 -4.44 -1.88
CA VAL B 97 -6.97 -5.06 -0.55
C VAL B 97 -7.38 -4.07 0.54
N ARG B 98 -8.13 -4.55 1.53
CA ARG B 98 -8.54 -3.73 2.67
C ARG B 98 -8.50 -4.53 3.98
N GLY B 99 -8.39 -3.80 5.09
CA GLY B 99 -8.30 -4.41 6.40
C GLY B 99 -9.65 -4.75 6.99
N LYS B 100 -9.67 -5.00 8.30
CA LYS B 100 -10.88 -5.39 9.00
C LYS B 100 -11.79 -4.20 9.30
N SER B 101 -13.09 -4.47 9.47
CA SER B 101 -14.06 -3.44 9.82
C SER B 101 -13.96 -3.08 11.30
N CYS B 102 -14.01 -1.78 11.59
CA CYS B 102 -14.05 -1.28 12.96
C CYS B 102 -15.38 -0.59 13.24
N CYS B 103 -16.21 -0.47 12.21
CA CYS B 103 -17.50 0.20 12.32
C CYS B 103 -18.47 -0.31 11.28
N ASN B 104 -19.51 -1.01 11.72
CA ASN B 104 -20.53 -1.52 10.82
C ASN B 104 -21.72 -0.56 10.72
N GLY B 105 -21.75 0.44 11.60
CA GLY B 105 -22.82 1.41 11.58
C GLY B 105 -22.75 2.53 12.60
N ARG B 106 -21.59 2.75 13.21
CA ARG B 106 -21.44 3.86 14.15
C ARG B 106 -21.60 5.17 13.37
N ARG B 107 -22.09 6.19 14.05
CA ARG B 107 -22.61 7.40 13.40
C ARG B 107 -21.68 7.99 12.34
N TYR B 108 -20.46 8.38 12.74
CA TYR B 108 -19.55 9.06 11.83
C TYR B 108 -18.27 8.27 11.59
N CYS B 109 -18.36 6.96 11.50
CA CYS B 109 -17.16 6.15 11.36
C CYS B 109 -16.51 6.37 10.00
N ASN B 110 -15.19 6.18 9.96
CA ASN B 110 -14.38 6.52 8.80
C ASN B 110 -13.16 5.61 8.72
N GLY B 111 -12.65 5.40 7.52
CA GLY B 111 -11.53 4.50 7.30
C GLY B 111 -10.34 4.80 8.19
N ALA B 112 -10.08 6.08 8.43
CA ALA B 112 -8.92 6.48 9.21
C ALA B 112 -9.02 6.05 10.67
N ASP B 113 -10.22 5.70 11.11
CA ASP B 113 -10.43 5.28 12.49
C ASP B 113 -10.06 3.82 12.71
N CYS B 114 -10.21 3.01 11.66
CA CYS B 114 -9.94 1.57 11.73
C CYS B 114 -8.45 1.28 11.69
N PHE B 115 -8.08 0.07 12.09
CA PHE B 115 -6.73 -0.41 11.87
C PHE B 115 -6.67 -0.90 10.43
N ASN B 116 -5.75 -0.31 9.65
CA ASN B 116 -5.72 -0.53 8.22
C ASN B 116 -5.03 -1.82 7.79
N TRP B 117 -4.12 -2.32 8.62
CA TRP B 117 -3.08 -3.23 8.13
C TRP B 117 -3.36 -4.72 8.27
N ASP B 118 -4.46 -5.10 8.91
CA ASP B 118 -4.85 -6.50 8.98
C ASP B 118 -5.63 -6.89 7.72
N PHE B 119 -4.89 -7.12 6.64
CA PHE B 119 -5.48 -7.35 5.32
C PHE B 119 -6.20 -8.70 5.20
N GLU B 120 -7.48 -8.70 5.57
CA GLU B 120 -8.29 -9.92 5.51
C GLU B 120 -8.91 -10.14 4.14
N TYR B 121 -9.16 -9.05 3.41
CA TYR B 121 -9.90 -9.12 2.16
C TYR B 121 -9.05 -8.71 0.96
N TRP B 122 -8.65 -9.70 0.17
CA TRP B 122 -7.84 -9.48 -1.03
C TRP B 122 -8.63 -9.71 -2.31
N GLY B 123 -8.37 -8.89 -3.32
CA GLY B 123 -8.87 -9.15 -4.65
C GLY B 123 -8.09 -10.31 -5.27
N GLN B 124 -8.57 -10.84 -6.39
CA GLN B 124 -7.93 -11.99 -7.01
C GLN B 124 -6.61 -11.60 -7.69
N GLY B 125 -6.41 -10.30 -7.88
CA GLY B 125 -5.19 -9.79 -8.47
C GLY B 125 -5.34 -9.53 -9.96
N THR B 126 -4.63 -8.51 -10.44
CA THR B 126 -4.56 -8.18 -11.86
C THR B 126 -3.13 -8.23 -12.33
N LEU B 127 -2.88 -9.01 -13.38
CA LEU B 127 -1.56 -9.13 -13.96
C LEU B 127 -1.34 -8.04 -15.02
N VAL B 128 -0.24 -7.32 -14.88
CA VAL B 128 0.17 -6.34 -15.88
C VAL B 128 1.51 -6.77 -16.47
N ILE B 129 1.54 -6.86 -17.80
CA ILE B 129 2.72 -7.29 -18.52
C ILE B 129 3.20 -6.17 -19.44
N VAL B 130 4.41 -5.69 -19.20
CA VAL B 130 4.98 -4.60 -20.00
C VAL B 130 5.97 -5.16 -21.00
N SER B 131 5.66 -4.98 -22.28
CA SER B 131 6.51 -5.47 -23.37
C SER B 131 6.23 -4.74 -24.67
N PRO B 132 7.28 -4.43 -25.45
CA PRO B 132 7.06 -3.74 -26.73
C PRO B 132 6.58 -4.68 -27.85
N ALA B 133 6.63 -5.98 -27.60
CA ALA B 133 6.32 -6.97 -28.63
C ALA B 133 4.83 -7.05 -28.93
N SER B 134 4.50 -7.55 -30.12
CA SER B 134 3.13 -7.86 -30.49
C SER B 134 2.97 -9.37 -30.49
N THR B 135 1.74 -9.85 -30.69
CA THR B 135 1.49 -11.29 -30.72
C THR B 135 2.38 -11.94 -31.76
N LYS B 136 3.01 -13.06 -31.39
CA LYS B 136 3.96 -13.73 -32.27
C LYS B 136 4.13 -15.19 -31.89
N GLY B 137 4.12 -16.06 -32.89
CA GLY B 137 4.30 -17.49 -32.68
C GLY B 137 5.76 -17.84 -32.43
N PRO B 138 6.00 -18.98 -31.76
CA PRO B 138 7.35 -19.38 -31.38
C PRO B 138 8.16 -19.97 -32.53
N SER B 139 9.48 -19.83 -32.45
CA SER B 139 10.39 -20.62 -33.26
C SER B 139 10.82 -21.82 -32.41
N VAL B 140 10.77 -23.01 -32.99
CA VAL B 140 11.07 -24.24 -32.27
C VAL B 140 12.35 -24.87 -32.80
N PHE B 141 13.32 -25.05 -31.92
CA PHE B 141 14.62 -25.62 -32.30
C PHE B 141 14.87 -26.92 -31.53
N PRO B 142 15.47 -27.92 -32.18
CA PRO B 142 15.72 -29.18 -31.46
C PRO B 142 16.83 -29.06 -30.41
N LEU B 143 16.64 -29.71 -29.27
CA LEU B 143 17.71 -29.84 -28.29
C LEU B 143 18.19 -31.29 -28.29
N ALA B 144 19.32 -31.53 -28.96
CA ALA B 144 19.92 -32.85 -28.99
C ALA B 144 21.36 -32.79 -28.45
N PRO B 145 21.74 -33.76 -27.61
CA PRO B 145 23.07 -33.69 -26.98
C PRO B 145 24.18 -34.01 -27.97
N SER B 146 25.36 -33.44 -27.75
CA SER B 146 26.53 -33.79 -28.54
C SER B 146 26.84 -35.27 -28.34
N SER B 147 26.94 -36.00 -29.44
CA SER B 147 27.15 -37.45 -29.40
C SER B 147 28.43 -37.82 -28.65
N LYS B 148 29.43 -36.95 -28.69
CA LYS B 148 30.71 -37.21 -28.03
C LYS B 148 30.60 -37.09 -26.50
N SER B 149 29.38 -36.84 -26.02
CA SER B 149 29.10 -36.79 -24.57
C SER B 149 27.79 -37.48 -24.25
N THR B 150 27.88 -38.71 -23.72
CA THR B 150 26.71 -39.49 -23.37
C THR B 150 26.98 -40.36 -22.15
N SER B 151 25.95 -41.08 -21.71
CA SER B 151 26.05 -41.91 -20.50
C SER B 151 25.23 -43.19 -20.64
N GLY B 152 25.09 -43.92 -19.54
CA GLY B 152 24.47 -45.23 -19.55
C GLY B 152 22.96 -45.25 -19.50
N GLY B 153 22.36 -45.77 -20.56
CA GLY B 153 20.93 -46.06 -20.60
C GLY B 153 20.00 -44.89 -20.32
N THR B 154 20.53 -43.68 -20.30
CA THR B 154 19.71 -42.50 -20.03
C THR B 154 20.25 -41.29 -20.78
N ALA B 155 19.46 -40.83 -21.75
CA ALA B 155 19.79 -39.63 -22.50
C ALA B 155 18.71 -38.59 -22.30
N ALA B 156 18.96 -37.38 -22.78
CA ALA B 156 18.01 -36.29 -22.67
C ALA B 156 17.82 -35.59 -24.01
N LEU B 157 16.56 -35.31 -24.34
CA LEU B 157 16.21 -34.56 -25.54
C LEU B 157 15.21 -33.46 -25.18
N GLY B 158 15.07 -32.47 -26.05
CA GLY B 158 14.11 -31.41 -25.82
C GLY B 158 13.94 -30.52 -27.04
N CYS B 159 13.11 -29.50 -26.92
CA CYS B 159 13.03 -28.47 -27.94
C CYS B 159 12.95 -27.08 -27.30
N LEU B 160 13.65 -26.14 -27.92
CA LEU B 160 13.69 -24.76 -27.44
C LEU B 160 12.59 -23.94 -28.10
N VAL B 161 11.57 -23.60 -27.33
CA VAL B 161 10.44 -22.82 -27.82
C VAL B 161 10.71 -21.35 -27.54
N LYS B 162 11.17 -20.63 -28.57
CA LYS B 162 11.78 -19.31 -28.36
C LYS B 162 11.07 -18.17 -29.08
N ASP B 163 11.14 -16.99 -28.48
CA ASP B 163 10.66 -15.75 -29.08
C ASP B 163 9.19 -15.80 -29.49
N TYR B 164 8.31 -15.96 -28.52
CA TYR B 164 6.88 -15.90 -28.74
C TYR B 164 6.23 -14.92 -27.78
N PHE B 165 4.99 -14.52 -28.08
CA PHE B 165 4.28 -13.58 -27.23
C PHE B 165 2.79 -13.57 -27.59
N PRO B 166 1.91 -13.50 -26.57
CA PRO B 166 2.16 -13.56 -25.13
C PRO B 166 2.08 -14.99 -24.63
N GLU B 167 2.05 -15.19 -23.32
CA GLU B 167 1.76 -16.51 -22.76
C GLU B 167 0.34 -16.92 -23.13
N PRO B 168 0.05 -18.23 -23.13
CA PRO B 168 0.93 -19.38 -22.88
C PRO B 168 1.18 -20.23 -24.12
N VAL B 169 2.10 -21.18 -24.00
CA VAL B 169 2.26 -22.24 -24.99
C VAL B 169 2.05 -23.58 -24.30
N THR B 170 1.57 -24.56 -25.06
CA THR B 170 1.47 -25.93 -24.58
C THR B 170 2.43 -26.82 -25.36
N VAL B 171 3.16 -27.66 -24.64
CA VAL B 171 4.12 -28.56 -25.26
C VAL B 171 3.83 -30.00 -24.84
N SER B 172 3.60 -30.85 -25.83
CA SER B 172 3.42 -32.28 -25.62
C SER B 172 4.42 -33.03 -26.49
N TRP B 173 4.66 -34.30 -26.14
CA TRP B 173 5.61 -35.13 -26.87
C TRP B 173 4.91 -36.35 -27.47
N ASN B 174 5.23 -36.62 -28.73
CA ASN B 174 4.60 -37.70 -29.48
C ASN B 174 3.08 -37.63 -29.38
N SER B 175 2.56 -36.40 -29.51
CA SER B 175 1.12 -36.14 -29.49
C SER B 175 0.48 -36.57 -28.16
N GLY B 176 1.19 -36.37 -27.06
CA GLY B 176 0.67 -36.67 -25.74
C GLY B 176 0.85 -38.13 -25.35
N ALA B 177 1.44 -38.92 -26.24
CA ALA B 177 1.69 -40.33 -25.96
C ALA B 177 2.84 -40.47 -24.98
N LEU B 178 3.83 -39.59 -25.12
CA LEU B 178 4.98 -39.56 -24.23
C LEU B 178 4.82 -38.48 -23.17
N THR B 179 4.65 -38.90 -21.92
CA THR B 179 4.45 -37.96 -20.80
C THR B 179 5.43 -38.21 -19.67
N SER B 180 5.90 -39.45 -19.54
CA SER B 180 6.81 -39.82 -18.47
C SER B 180 8.19 -39.19 -18.67
N GLY B 181 8.61 -38.41 -17.68
CA GLY B 181 9.94 -37.80 -17.69
C GLY B 181 9.99 -36.43 -18.33
N VAL B 182 8.82 -35.87 -18.65
CA VAL B 182 8.77 -34.58 -19.32
C VAL B 182 8.81 -33.42 -18.32
N HIS B 183 9.58 -32.39 -18.66
CA HIS B 183 9.61 -31.16 -17.89
C HIS B 183 9.52 -29.97 -18.83
N THR B 184 8.39 -29.28 -18.79
CA THR B 184 8.23 -28.01 -19.50
C THR B 184 8.49 -26.88 -18.52
N PHE B 185 9.56 -26.12 -18.75
CA PHE B 185 9.99 -25.09 -17.81
C PHE B 185 9.14 -23.83 -17.92
N PRO B 186 9.00 -23.07 -16.81
CA PRO B 186 8.29 -21.79 -16.86
C PRO B 186 8.92 -20.82 -17.85
N ALA B 187 8.08 -20.14 -18.62
CA ALA B 187 8.55 -19.17 -19.59
C ALA B 187 9.29 -18.03 -18.91
N VAL B 188 10.23 -17.43 -19.64
CA VAL B 188 10.98 -16.28 -19.15
C VAL B 188 10.89 -15.14 -20.16
N LEU B 189 10.47 -13.98 -19.66
CA LEU B 189 10.41 -12.77 -20.46
C LEU B 189 11.79 -12.11 -20.50
N GLN B 190 12.38 -12.05 -21.68
CA GLN B 190 13.74 -11.57 -21.85
C GLN B 190 13.77 -10.16 -22.44
N SER B 191 14.98 -9.62 -22.57
CA SER B 191 15.18 -8.23 -23.00
C SER B 191 14.35 -7.80 -24.20
N SER B 192 14.10 -8.72 -25.11
CA SER B 192 13.37 -8.43 -26.34
C SER B 192 11.90 -8.12 -26.09
N GLY B 193 11.39 -8.56 -24.96
CA GLY B 193 9.97 -8.47 -24.66
C GLY B 193 9.22 -9.71 -25.12
N LEU B 194 9.97 -10.70 -25.59
CA LEU B 194 9.41 -11.97 -26.06
C LEU B 194 9.71 -13.08 -25.07
N TYR B 195 8.84 -14.08 -25.02
CA TYR B 195 9.00 -15.20 -24.10
C TYR B 195 9.86 -16.30 -24.70
N SER B 196 10.42 -17.15 -23.83
CA SER B 196 11.20 -18.30 -24.27
C SER B 196 11.25 -19.37 -23.19
N LEU B 197 11.13 -20.63 -23.60
CA LEU B 197 11.26 -21.75 -22.67
C LEU B 197 11.78 -22.99 -23.37
N SER B 198 12.21 -23.96 -22.58
CA SER B 198 12.59 -25.26 -23.09
C SER B 198 11.72 -26.34 -22.47
N SER B 199 11.38 -27.34 -23.27
CA SER B 199 10.72 -28.54 -22.79
C SER B 199 11.64 -29.73 -23.04
N VAL B 200 11.89 -30.53 -22.01
CA VAL B 200 12.82 -31.65 -22.10
C VAL B 200 12.19 -32.95 -21.65
N VAL B 201 12.75 -34.06 -22.11
CA VAL B 201 12.32 -35.38 -21.70
C VAL B 201 13.51 -36.33 -21.68
N THR B 202 13.61 -37.12 -20.62
CA THR B 202 14.66 -38.12 -20.53
C THR B 202 14.11 -39.46 -20.99
N VAL B 203 14.92 -40.18 -21.76
CA VAL B 203 14.51 -41.43 -22.37
C VAL B 203 15.63 -42.46 -22.31
N PRO B 204 15.32 -43.73 -22.60
CA PRO B 204 16.40 -44.73 -22.69
C PRO B 204 17.34 -44.42 -23.86
N SER B 205 18.63 -44.33 -23.59
CA SER B 205 19.59 -44.03 -24.65
C SER B 205 19.60 -45.17 -25.66
N SER B 206 19.14 -46.34 -25.24
CA SER B 206 18.99 -47.48 -26.14
C SER B 206 17.82 -47.28 -27.09
N SER B 207 16.96 -46.30 -26.79
CA SER B 207 15.80 -46.00 -27.62
C SER B 207 16.18 -45.07 -28.78
N LEU B 208 17.29 -44.36 -28.61
CA LEU B 208 17.78 -43.45 -29.65
C LEU B 208 18.25 -44.25 -30.86
N GLY B 209 17.58 -44.02 -31.99
CA GLY B 209 17.84 -44.75 -33.22
C GLY B 209 16.64 -45.54 -33.69
N THR B 210 15.82 -45.98 -32.72
CA THR B 210 14.60 -46.71 -33.01
C THR B 210 13.38 -45.81 -32.88
N GLN B 211 13.20 -45.23 -31.69
CA GLN B 211 12.05 -44.38 -31.41
C GLN B 211 12.24 -42.97 -31.95
N THR B 212 11.22 -42.47 -32.63
CA THR B 212 11.20 -41.10 -33.12
C THR B 212 10.53 -40.19 -32.09
N TYR B 213 11.19 -39.09 -31.76
CA TYR B 213 10.69 -38.16 -30.75
C TYR B 213 10.33 -36.82 -31.37
N ILE B 214 9.09 -36.37 -31.10
CA ILE B 214 8.57 -35.14 -31.66
C ILE B 214 7.89 -34.31 -30.57
N CYS B 215 8.27 -33.04 -30.47
CA CYS B 215 7.61 -32.12 -29.54
C CYS B 215 6.58 -31.29 -30.29
N ASN B 216 5.34 -31.32 -29.81
CA ASN B 216 4.24 -30.58 -30.41
C ASN B 216 3.96 -29.28 -29.68
N VAL B 217 4.38 -28.18 -30.26
CA VAL B 217 4.17 -26.86 -29.68
C VAL B 217 2.90 -26.25 -30.24
N ASN B 218 2.10 -25.62 -29.38
CA ASN B 218 0.86 -24.99 -29.79
C ASN B 218 0.69 -23.64 -29.09
N HIS B 219 0.63 -22.59 -29.89
CA HIS B 219 0.49 -21.22 -29.38
C HIS B 219 -0.83 -20.62 -29.87
N LYS B 220 -1.87 -20.75 -29.05
CA LYS B 220 -3.22 -20.34 -29.43
C LYS B 220 -3.33 -18.87 -29.81
N PRO B 221 -2.62 -17.96 -29.11
CA PRO B 221 -2.72 -16.54 -29.46
C PRO B 221 -2.31 -16.21 -30.90
N SER B 222 -1.32 -16.91 -31.44
CA SER B 222 -0.88 -16.68 -32.82
C SER B 222 -1.41 -17.74 -33.78
N ASN B 223 -2.16 -18.70 -33.23
CA ASN B 223 -2.80 -19.74 -34.03
C ASN B 223 -1.77 -20.60 -34.77
N THR B 224 -0.55 -20.65 -34.25
CA THR B 224 0.52 -21.43 -34.86
C THR B 224 0.67 -22.77 -34.15
N LYS B 225 1.05 -23.80 -34.92
CA LYS B 225 1.32 -25.13 -34.40
C LYS B 225 2.55 -25.69 -35.09
N VAL B 226 3.47 -26.24 -34.30
CA VAL B 226 4.72 -26.77 -34.82
C VAL B 226 5.00 -28.17 -34.29
N ASP B 227 5.29 -29.08 -35.21
CA ASP B 227 5.78 -30.42 -34.89
C ASP B 227 7.26 -30.48 -35.25
N LYS B 228 8.10 -30.85 -34.29
CA LYS B 228 9.54 -30.84 -34.49
C LYS B 228 10.19 -32.16 -34.06
N LYS B 229 10.79 -32.86 -35.02
CA LYS B 229 11.50 -34.10 -34.76
C LYS B 229 12.86 -33.81 -34.14
N VAL B 230 13.23 -34.57 -33.12
CA VAL B 230 14.50 -34.36 -32.41
C VAL B 230 15.37 -35.62 -32.50
N GLU B 231 16.65 -35.42 -32.84
CA GLU B 231 17.57 -36.54 -33.02
C GLU B 231 19.01 -36.02 -33.07
N PRO B 232 19.93 -36.66 -32.32
CA PRO B 232 21.32 -36.18 -32.29
C PRO B 232 22.05 -36.26 -33.63
N LYS B 233 22.95 -35.31 -33.87
CA LYS B 233 23.67 -35.21 -35.12
C LYS B 233 24.68 -36.35 -35.30
N SER B 234 24.94 -36.74 -36.55
CA SER B 234 25.92 -37.78 -36.85
C SER B 234 27.33 -37.19 -36.89
N TYR C 1 12.61 2.09 10.57
CA TYR C 1 11.72 2.05 9.42
C TYR C 1 10.93 0.74 9.40
N ILE C 2 11.26 -0.14 10.34
CA ILE C 2 10.60 -1.43 10.49
C ILE C 2 10.70 -2.29 9.23
N GLY C 3 11.86 -2.90 9.06
CA GLY C 3 12.04 -3.95 8.08
C GLY C 3 11.88 -5.27 8.79
N LEU C 4 11.43 -6.30 8.09
CA LEU C 4 11.20 -7.60 8.69
C LEU C 4 12.00 -8.68 7.98
N THR C 5 12.83 -9.38 8.76
CA THR C 5 13.65 -10.47 8.24
C THR C 5 13.12 -11.80 8.76
N GLN C 6 12.75 -12.69 7.84
CA GLN C 6 12.25 -14.00 8.18
C GLN C 6 13.32 -15.06 8.02
N SER C 7 13.23 -16.13 8.81
CA SER C 7 14.14 -17.25 8.65
C SER C 7 13.48 -18.54 9.13
N PRO C 8 13.84 -19.69 8.53
CA PRO C 8 14.76 -19.79 7.39
C PRO C 8 14.08 -19.35 6.09
N GLY C 9 14.85 -19.19 5.03
CA GLY C 9 14.29 -18.82 3.74
C GLY C 9 13.41 -19.95 3.23
N THR C 10 13.91 -21.17 3.38
CA THR C 10 13.17 -22.37 3.05
C THR C 10 13.21 -23.33 4.22
N LEU C 11 12.03 -23.80 4.64
CA LEU C 11 11.90 -24.75 5.73
C LEU C 11 11.34 -26.07 5.20
N SER C 12 12.18 -27.10 5.19
CA SER C 12 11.78 -28.41 4.69
C SER C 12 11.33 -29.30 5.84
N VAL C 13 10.08 -29.76 5.77
CA VAL C 13 9.54 -30.67 6.77
C VAL C 13 8.71 -31.76 6.09
N SER C 14 8.51 -32.85 6.81
CA SER C 14 7.61 -33.91 6.35
C SER C 14 6.24 -33.72 6.99
N PRO C 15 5.19 -34.26 6.36
CA PRO C 15 3.87 -34.20 6.99
C PRO C 15 3.87 -34.85 8.39
N GLY C 16 3.17 -34.23 9.33
CA GLY C 16 3.13 -34.72 10.69
C GLY C 16 4.27 -34.18 11.53
N GLU C 17 5.22 -33.51 10.88
CA GLU C 17 6.40 -32.97 11.53
C GLU C 17 6.11 -31.58 12.08
N ARG C 18 6.98 -31.11 12.97
CA ARG C 18 6.84 -29.78 13.55
C ARG C 18 7.56 -28.73 12.70
N ALA C 19 6.99 -27.54 12.62
CA ALA C 19 7.58 -26.44 11.84
C ALA C 19 7.63 -25.16 12.65
N THR C 20 8.80 -24.54 12.70
CA THR C 20 9.00 -23.29 13.43
C THR C 20 9.51 -22.19 12.50
N LEU C 21 8.64 -21.24 12.21
CA LEU C 21 9.00 -20.08 11.40
C LEU C 21 9.37 -18.93 12.31
N SER C 22 10.24 -18.04 11.84
CA SER C 22 10.73 -16.93 12.64
C SER C 22 10.69 -15.60 11.87
N CYS C 23 10.31 -14.54 12.58
CA CYS C 23 10.28 -13.18 12.01
C CYS C 23 10.97 -12.21 12.96
N ARG C 24 11.89 -11.42 12.42
CA ARG C 24 12.67 -10.47 13.22
C ARG C 24 12.51 -9.04 12.71
N PRO C 25 11.68 -8.24 13.39
CA PRO C 25 11.56 -6.81 13.05
C PRO C 25 12.87 -6.05 13.26
N SER C 26 13.11 -5.03 12.45
CA SER C 26 14.33 -4.24 12.54
C SER C 26 14.43 -3.52 13.88
N GLN C 27 13.29 -3.27 14.51
CA GLN C 27 13.24 -2.59 15.80
C GLN C 27 12.17 -3.22 16.69
N ALA C 28 12.18 -2.86 17.96
CA ALA C 28 11.19 -3.36 18.90
C ALA C 28 9.80 -2.84 18.53
N ILE C 29 8.84 -3.75 18.36
CA ILE C 29 7.47 -3.39 18.04
C ILE C 29 6.49 -4.02 19.01
N SER C 30 5.21 -3.74 18.83
CA SER C 30 4.14 -4.22 19.71
C SER C 30 3.56 -5.54 19.22
N LYS C 31 3.13 -6.38 20.16
CA LYS C 31 2.56 -7.68 19.84
C LYS C 31 1.30 -7.54 18.99
N SER C 32 0.65 -6.39 19.10
CA SER C 32 -0.61 -6.15 18.42
C SER C 32 -0.43 -5.77 16.95
N HIS C 33 0.82 -5.52 16.54
CA HIS C 33 1.10 -4.98 15.21
C HIS C 33 1.86 -5.96 14.31
N LEU C 34 1.79 -7.25 14.62
CA LEU C 34 2.42 -8.26 13.78
C LEU C 34 1.43 -9.33 13.31
N ALA C 35 1.40 -9.54 12.00
CA ALA C 35 0.47 -10.51 11.40
C ALA C 35 1.23 -11.51 10.52
N TRP C 36 0.61 -12.66 10.30
CA TRP C 36 1.14 -13.69 9.42
C TRP C 36 0.19 -13.96 8.27
N TYR C 37 0.75 -14.21 7.10
CA TYR C 37 -0.03 -14.60 5.92
C TYR C 37 0.55 -15.87 5.32
N SER C 38 -0.29 -16.63 4.62
CA SER C 38 0.19 -17.74 3.80
C SER C 38 -0.23 -17.49 2.37
N GLN C 39 0.54 -17.97 1.42
CA GLN C 39 0.22 -17.80 0.01
C GLN C 39 0.53 -19.05 -0.78
N LYS C 40 -0.47 -19.55 -1.50
CA LYS C 40 -0.31 -20.62 -2.47
C LYS C 40 -0.23 -20.02 -3.86
N SER C 41 0.36 -20.74 -4.80
CA SER C 41 0.53 -20.25 -6.16
C SER C 41 -0.82 -19.94 -6.82
N GLY C 42 -0.88 -18.79 -7.49
CA GLY C 42 -2.08 -18.40 -8.22
C GLY C 42 -3.15 -17.78 -7.35
N GLN C 43 -2.86 -17.63 -6.06
CA GLN C 43 -3.80 -17.05 -5.11
C GLN C 43 -3.19 -15.84 -4.42
N PRO C 44 -4.04 -14.94 -3.91
CA PRO C 44 -3.54 -13.86 -3.04
C PRO C 44 -3.14 -14.39 -1.67
N PRO C 45 -2.32 -13.63 -0.94
CA PRO C 45 -2.00 -14.04 0.44
C PRO C 45 -3.25 -14.12 1.30
N ARG C 46 -3.27 -15.06 2.24
CA ARG C 46 -4.39 -15.27 3.14
C ARG C 46 -3.97 -14.96 4.57
N LEU C 47 -4.73 -14.10 5.24
CA LEU C 47 -4.44 -13.71 6.61
C LEU C 47 -4.63 -14.89 7.56
N LEU C 48 -3.58 -15.22 8.31
CA LEU C 48 -3.63 -16.33 9.27
C LEU C 48 -3.77 -15.83 10.70
N LEU C 49 -2.78 -15.07 11.16
CA LEU C 49 -2.81 -14.46 12.48
C LEU C 49 -2.89 -12.94 12.35
N THR C 50 -3.85 -12.34 13.04
CA THR C 50 -4.08 -10.90 12.95
C THR C 50 -3.34 -10.16 14.06
N GLY C 51 -3.40 -10.69 15.28
CA GLY C 51 -2.57 -10.23 16.36
C GLY C 51 -1.31 -11.07 16.30
N THR C 52 -0.52 -11.08 17.35
CA THR C 52 0.67 -11.95 17.38
C THR C 52 0.24 -13.42 17.44
N TYR C 53 -0.87 -13.67 18.12
CA TYR C 53 -1.37 -15.03 18.33
C TYR C 53 -2.83 -15.20 17.94
N GLU C 54 -3.52 -14.09 17.67
CA GLU C 54 -4.94 -14.14 17.35
C GLU C 54 -5.17 -14.77 15.99
N ARG C 55 -5.66 -16.01 15.97
CA ARG C 55 -5.95 -16.70 14.73
C ARG C 55 -7.17 -16.10 14.03
N ALA C 56 -7.39 -16.51 12.78
CA ALA C 56 -8.45 -15.93 11.95
C ALA C 56 -9.43 -17.00 11.48
N SER C 57 -10.20 -16.68 10.44
CA SER C 57 -11.23 -17.58 9.93
C SER C 57 -10.64 -18.86 9.33
N GLY C 58 -11.13 -20.01 9.80
CA GLY C 58 -10.74 -21.29 9.27
C GLY C 58 -9.28 -21.63 9.50
N VAL C 59 -8.65 -20.90 10.42
CA VAL C 59 -7.24 -21.13 10.75
C VAL C 59 -7.15 -22.06 11.95
N PRO C 60 -6.80 -23.34 11.73
CA PRO C 60 -6.78 -24.31 12.84
C PRO C 60 -5.72 -23.97 13.89
N ASP C 61 -5.88 -24.52 15.09
CA ASP C 61 -5.05 -24.15 16.23
C ASP C 61 -3.69 -24.84 16.21
N ARG C 62 -3.41 -25.63 15.17
CA ARG C 62 -2.07 -26.17 15.01
C ARG C 62 -1.13 -25.02 14.68
N PHE C 63 -1.68 -23.97 14.07
CA PHE C 63 -0.95 -22.71 13.89
C PHE C 63 -0.95 -21.93 15.19
N VAL C 64 0.23 -21.70 15.76
CA VAL C 64 0.37 -20.96 17.00
C VAL C 64 1.44 -19.88 16.85
N GLY C 65 1.01 -18.63 16.99
CA GLY C 65 1.92 -17.49 16.94
C GLY C 65 2.38 -17.12 18.33
N SER C 66 3.59 -16.57 18.41
CA SER C 66 4.18 -16.18 19.67
C SER C 66 5.27 -15.14 19.46
N GLY C 67 5.78 -14.58 20.56
CA GLY C 67 6.90 -13.67 20.49
C GLY C 67 6.60 -12.27 21.03
N SER C 68 7.64 -11.44 21.06
CA SER C 68 7.53 -10.09 21.59
C SER C 68 8.78 -9.29 21.23
N GLY C 69 8.64 -7.98 21.18
CA GLY C 69 9.77 -7.10 20.92
C GLY C 69 10.35 -7.26 19.53
N THR C 70 11.34 -8.16 19.41
CA THR C 70 12.11 -8.30 18.17
C THR C 70 12.18 -9.75 17.69
N ASN C 71 11.51 -10.65 18.41
CA ASN C 71 11.51 -12.07 18.06
C ASN C 71 10.10 -12.64 18.04
N TYR C 72 9.57 -12.84 16.84
CA TYR C 72 8.24 -13.41 16.66
C TYR C 72 8.33 -14.73 15.90
N THR C 73 7.56 -15.72 16.35
CA THR C 73 7.59 -17.05 15.77
C THR C 73 6.20 -17.54 15.41
N LEU C 74 6.10 -18.23 14.29
CA LEU C 74 4.90 -18.98 13.91
C LEU C 74 5.22 -20.46 13.94
N THR C 75 4.50 -21.20 14.77
CA THR C 75 4.72 -22.64 14.92
C THR C 75 3.52 -23.44 14.42
N ILE C 76 3.78 -24.39 13.53
CA ILE C 76 2.77 -25.31 13.07
C ILE C 76 2.97 -26.64 13.79
N ALA C 77 1.98 -27.01 14.61
CA ALA C 77 2.10 -28.19 15.47
C ALA C 77 2.36 -29.46 14.67
N SER C 78 1.44 -29.78 13.77
CA SER C 78 1.55 -30.97 12.93
C SER C 78 1.22 -30.61 11.49
N VAL C 79 2.27 -30.41 10.69
CA VAL C 79 2.12 -29.95 9.32
C VAL C 79 1.35 -30.96 8.47
N GLU C 80 0.34 -30.46 7.75
CA GLU C 80 -0.44 -31.27 6.82
C GLU C 80 -0.18 -30.84 5.39
N ALA C 81 -0.71 -31.61 4.43
CA ALA C 81 -0.44 -31.37 3.02
C ALA C 81 -0.91 -30.00 2.56
N GLU C 82 -1.96 -29.49 3.19
CA GLU C 82 -2.54 -28.20 2.78
C GLU C 82 -1.75 -27.01 3.33
N ASP C 83 -0.79 -27.26 4.20
CA ASP C 83 -0.05 -26.19 4.87
C ASP C 83 1.17 -25.73 4.08
N PHE C 84 1.66 -26.57 3.18
CA PHE C 84 2.83 -26.21 2.40
C PHE C 84 2.52 -25.00 1.53
N ALA C 85 3.28 -23.93 1.74
CA ALA C 85 3.05 -22.65 1.10
C ALA C 85 4.17 -21.69 1.47
N VAL C 86 4.07 -20.45 1.00
CA VAL C 86 4.98 -19.40 1.41
C VAL C 86 4.33 -18.58 2.51
N TYR C 87 5.07 -18.32 3.58
CA TYR C 87 4.55 -17.58 4.72
C TYR C 87 5.26 -16.23 4.86
N PHE C 88 4.46 -15.17 4.94
CA PHE C 88 4.97 -13.81 5.12
C PHE C 88 4.56 -13.25 6.47
N CYS C 89 5.50 -12.60 7.14
CA CYS C 89 5.17 -11.80 8.32
C CYS C 89 4.96 -10.35 7.88
N GLN C 90 4.28 -9.56 8.71
CA GLN C 90 3.92 -8.20 8.33
C GLN C 90 3.86 -7.26 9.53
N CYS C 91 4.38 -6.06 9.34
CA CYS C 91 4.19 -4.98 10.30
C CYS C 91 3.90 -3.69 9.54
N PHE C 92 2.68 -3.18 9.70
CA PHE C 92 2.21 -2.03 8.94
C PHE C 92 2.35 -2.30 7.44
N GLU C 93 3.01 -1.40 6.71
CA GLU C 93 3.06 -1.54 5.25
C GLU C 93 4.12 -2.54 4.79
N GLY C 94 4.99 -2.96 5.70
CA GLY C 94 6.11 -3.81 5.35
C GLY C 94 5.83 -5.30 5.51
N PHE C 95 6.37 -6.09 4.59
CA PHE C 95 6.28 -7.55 4.64
C PHE C 95 7.69 -8.14 4.71
N GLY C 96 7.81 -9.31 5.32
CA GLY C 96 9.06 -10.05 5.30
C GLY C 96 9.26 -10.67 3.92
N GLN C 97 10.46 -11.13 3.64
CA GLN C 97 10.78 -11.68 2.32
C GLN C 97 10.13 -13.04 2.09
N GLY C 98 9.66 -13.65 3.18
CA GLY C 98 8.91 -14.89 3.10
C GLY C 98 9.71 -16.13 3.45
N THR C 99 9.00 -17.11 4.02
CA THR C 99 9.56 -18.43 4.30
C THR C 99 8.75 -19.48 3.55
N LYS C 100 9.41 -20.18 2.63
CA LYS C 100 8.75 -21.23 1.88
C LYS C 100 8.71 -22.54 2.67
N LEU C 101 7.51 -23.00 3.00
CA LEU C 101 7.34 -24.30 3.65
C LEU C 101 7.28 -25.38 2.57
N GLU C 102 8.29 -26.25 2.58
CA GLU C 102 8.53 -27.19 1.49
C GLU C 102 8.45 -28.64 1.96
N ILE C 103 7.94 -29.51 1.10
CA ILE C 103 7.91 -30.95 1.38
C ILE C 103 9.32 -31.51 1.40
N LYS C 104 9.66 -32.23 2.46
CA LYS C 104 10.99 -32.79 2.62
C LYS C 104 11.07 -34.15 1.94
N ARG C 105 12.19 -34.39 1.28
CA ARG C 105 12.51 -35.70 0.72
C ARG C 105 14.00 -35.94 0.85
N THR C 106 14.46 -37.09 0.39
CA THR C 106 15.88 -37.42 0.46
C THR C 106 16.66 -36.61 -0.56
N VAL C 107 17.93 -36.35 -0.26
CA VAL C 107 18.82 -35.65 -1.19
C VAL C 107 18.98 -36.49 -2.44
N ALA C 108 18.97 -35.81 -3.59
CA ALA C 108 19.18 -36.47 -4.88
C ALA C 108 19.98 -35.56 -5.80
N ALA C 109 21.12 -36.06 -6.26
CA ALA C 109 21.97 -35.29 -7.16
C ALA C 109 21.29 -35.14 -8.52
N PRO C 110 21.49 -34.00 -9.19
CA PRO C 110 20.93 -33.82 -10.54
C PRO C 110 21.71 -34.61 -11.59
N SER C 111 21.01 -35.13 -12.60
CA SER C 111 21.68 -35.60 -13.79
C SER C 111 21.80 -34.40 -14.72
N VAL C 112 22.99 -34.19 -15.26
CA VAL C 112 23.30 -32.99 -16.04
C VAL C 112 23.42 -33.31 -17.52
N PHE C 113 22.88 -32.41 -18.34
CA PHE C 113 22.97 -32.51 -19.79
C PHE C 113 23.19 -31.14 -20.40
N ILE C 114 24.01 -31.07 -21.44
CA ILE C 114 24.26 -29.83 -22.16
C ILE C 114 23.88 -29.99 -23.63
N PHE C 115 23.27 -28.95 -24.20
CA PHE C 115 22.80 -28.97 -25.58
C PHE C 115 23.40 -27.80 -26.38
N PRO C 116 24.09 -28.10 -27.49
CA PRO C 116 24.56 -27.00 -28.34
C PRO C 116 23.44 -26.37 -29.14
N PRO C 117 23.68 -25.18 -29.71
CA PRO C 117 22.68 -24.59 -30.61
C PRO C 117 22.48 -25.44 -31.86
N SER C 118 21.23 -25.60 -32.29
CA SER C 118 20.96 -26.29 -33.54
C SER C 118 21.48 -25.46 -34.71
N ASP C 119 21.81 -26.14 -35.80
CA ASP C 119 22.26 -25.46 -37.01
C ASP C 119 21.17 -24.53 -37.51
N GLU C 120 19.91 -24.94 -37.34
CA GLU C 120 18.78 -24.15 -37.77
C GLU C 120 18.76 -22.80 -37.08
N GLN C 121 19.02 -22.80 -35.77
CA GLN C 121 19.01 -21.56 -35.00
C GLN C 121 20.15 -20.64 -35.40
N LEU C 122 21.30 -21.21 -35.70
CA LEU C 122 22.48 -20.43 -36.05
C LEU C 122 22.29 -19.67 -37.35
N LYS C 123 21.27 -20.03 -38.12
CA LYS C 123 20.93 -19.30 -39.35
C LYS C 123 20.42 -17.90 -39.02
N SER C 124 19.77 -17.76 -37.87
CA SER C 124 19.10 -16.52 -37.51
C SER C 124 20.03 -15.49 -36.88
N GLY C 125 21.26 -15.92 -36.55
CA GLY C 125 22.25 -15.02 -35.99
C GLY C 125 22.24 -15.00 -34.47
N THR C 126 21.67 -16.04 -33.86
CA THR C 126 21.66 -16.18 -32.42
C THR C 126 22.05 -17.61 -32.04
N ALA C 127 22.66 -17.76 -30.87
CA ALA C 127 23.06 -19.08 -30.38
C ALA C 127 22.60 -19.29 -28.95
N SER C 128 21.74 -20.29 -28.75
CA SER C 128 21.29 -20.67 -27.42
C SER C 128 21.93 -21.98 -26.99
N VAL C 129 22.73 -21.92 -25.93
CA VAL C 129 23.33 -23.11 -25.34
C VAL C 129 22.58 -23.43 -24.05
N VAL C 130 22.05 -24.65 -23.96
CA VAL C 130 21.16 -25.04 -22.86
C VAL C 130 21.79 -26.11 -21.97
N CYS C 131 21.73 -25.87 -20.66
CA CYS C 131 22.20 -26.83 -19.67
C CYS C 131 21.04 -27.28 -18.79
N LEU C 132 20.84 -28.59 -18.72
CA LEU C 132 19.71 -29.18 -18.00
C LEU C 132 20.14 -29.87 -16.71
N LEU C 133 19.55 -29.43 -15.59
CA LEU C 133 19.69 -30.12 -14.31
C LEU C 133 18.37 -30.82 -14.00
N ASN C 134 18.42 -32.15 -13.91
CA ASN C 134 17.22 -32.97 -13.91
C ASN C 134 16.95 -33.71 -12.59
N ASN C 135 15.75 -33.50 -12.05
CA ASN C 135 15.26 -34.20 -10.87
C ASN C 135 16.23 -34.24 -9.68
N PHE C 136 16.41 -33.09 -9.03
CA PHE C 136 17.32 -32.99 -7.91
C PHE C 136 16.65 -32.40 -6.67
N TYR C 137 17.26 -32.64 -5.52
CA TYR C 137 16.82 -32.08 -4.26
C TYR C 137 17.99 -32.01 -3.29
N PRO C 138 18.11 -30.91 -2.52
CA PRO C 138 17.24 -29.74 -2.42
C PRO C 138 17.34 -28.78 -3.61
N ARG C 139 16.59 -27.68 -3.51
CA ARG C 139 16.51 -26.69 -4.59
C ARG C 139 17.85 -25.99 -4.85
N GLU C 140 18.59 -25.71 -3.79
CA GLU C 140 19.86 -24.97 -3.90
C GLU C 140 20.79 -25.61 -4.91
N ALA C 141 21.23 -24.81 -5.88
CA ALA C 141 22.11 -25.31 -6.93
C ALA C 141 22.82 -24.14 -7.59
N LYS C 142 24.08 -24.38 -7.98
CA LYS C 142 24.88 -23.39 -8.66
C LYS C 142 25.27 -23.88 -10.05
N VAL C 143 24.81 -23.16 -11.07
CA VAL C 143 25.15 -23.46 -12.45
C VAL C 143 26.03 -22.35 -13.00
N GLN C 144 27.25 -22.71 -13.39
CA GLN C 144 28.25 -21.75 -13.82
C GLN C 144 28.67 -22.02 -15.27
N TRP C 145 28.66 -20.98 -16.10
CA TRP C 145 29.06 -21.08 -17.50
C TRP C 145 30.50 -20.64 -17.72
N LYS C 146 31.25 -21.42 -18.48
CA LYS C 146 32.61 -21.03 -18.87
C LYS C 146 32.88 -21.44 -20.31
N VAL C 147 33.32 -20.47 -21.11
CA VAL C 147 33.67 -20.71 -22.51
C VAL C 147 35.15 -20.43 -22.73
N ASP C 148 35.86 -21.44 -23.24
CA ASP C 148 37.32 -21.40 -23.29
C ASP C 148 37.86 -21.07 -21.90
N ASN C 149 37.24 -21.68 -20.89
CA ASN C 149 37.62 -21.50 -19.49
C ASN C 149 37.42 -20.08 -18.97
N ALA C 150 36.84 -19.22 -19.79
CA ALA C 150 36.50 -17.86 -19.37
C ALA C 150 35.12 -17.85 -18.72
N LEU C 151 35.09 -17.53 -17.43
CA LEU C 151 33.85 -17.49 -16.68
C LEU C 151 32.86 -16.50 -17.31
N GLN C 152 31.66 -16.98 -17.60
CA GLN C 152 30.62 -16.16 -18.18
C GLN C 152 29.78 -15.49 -17.10
N SER C 153 29.23 -14.32 -17.42
CA SER C 153 28.45 -13.56 -16.47
C SER C 153 27.52 -12.57 -17.17
N GLY C 154 26.24 -12.64 -16.83
CA GLY C 154 25.27 -11.67 -17.31
C GLY C 154 24.69 -11.99 -18.69
N ASN C 155 25.06 -13.14 -19.25
CA ASN C 155 24.52 -13.58 -20.53
C ASN C 155 23.82 -14.93 -20.42
N SER C 156 23.28 -15.22 -19.24
CA SER C 156 22.54 -16.45 -19.03
C SER C 156 21.31 -16.21 -18.15
N GLN C 157 20.27 -17.01 -18.39
CA GLN C 157 19.05 -16.95 -17.60
C GLN C 157 18.64 -18.35 -17.12
N GLU C 158 18.28 -18.45 -15.85
CA GLU C 158 17.87 -19.71 -15.25
C GLU C 158 16.37 -19.80 -15.11
N SER C 159 15.84 -21.02 -15.23
CA SER C 159 14.43 -21.28 -15.02
C SER C 159 14.27 -22.58 -14.25
N VAL C 160 13.46 -22.56 -13.20
CA VAL C 160 13.27 -23.72 -12.35
C VAL C 160 11.80 -24.07 -12.23
N THR C 161 11.51 -25.38 -12.24
CA THR C 161 10.15 -25.86 -12.07
C THR C 161 9.71 -25.67 -10.63
N GLU C 162 8.41 -25.69 -10.38
CA GLU C 162 7.92 -25.81 -9.02
C GLU C 162 8.22 -27.22 -8.55
N GLN C 163 8.19 -27.44 -7.24
CA GLN C 163 8.44 -28.75 -6.68
C GLN C 163 7.48 -29.77 -7.28
N ASP C 164 8.02 -30.86 -7.81
CA ASP C 164 7.22 -31.85 -8.51
C ASP C 164 6.25 -32.57 -7.57
N SER C 165 4.98 -32.57 -7.94
CA SER C 165 3.94 -33.17 -7.10
C SER C 165 4.09 -34.68 -6.98
N LYS C 166 4.92 -35.27 -7.83
CA LYS C 166 5.13 -36.71 -7.82
C LYS C 166 6.25 -37.13 -6.86
N ASP C 167 7.46 -36.65 -7.12
CA ASP C 167 8.63 -37.08 -6.36
C ASP C 167 9.32 -35.94 -5.60
N SER C 168 8.69 -34.76 -5.61
CA SER C 168 9.15 -33.62 -4.80
C SER C 168 10.56 -33.13 -5.16
N THR C 169 11.01 -33.40 -6.39
CA THR C 169 12.29 -32.88 -6.86
C THR C 169 12.11 -31.59 -7.66
N TYR C 170 13.23 -30.98 -8.02
CA TYR C 170 13.25 -29.83 -8.90
C TYR C 170 14.01 -30.16 -10.17
N SER C 171 13.65 -29.49 -11.25
CA SER C 171 14.44 -29.52 -12.47
C SER C 171 14.73 -28.07 -12.86
N LEU C 172 15.87 -27.86 -13.50
CA LEU C 172 16.34 -26.51 -13.80
C LEU C 172 17.04 -26.45 -15.15
N SER C 173 16.79 -25.37 -15.87
CA SER C 173 17.47 -25.10 -17.13
C SER C 173 18.25 -23.80 -17.00
N SER C 174 19.45 -23.79 -17.58
CA SER C 174 20.25 -22.57 -17.68
C SER C 174 20.60 -22.35 -19.14
N THR C 175 20.09 -21.27 -19.71
CA THR C 175 20.28 -20.97 -21.12
C THR C 175 21.29 -19.85 -21.30
N LEU C 176 22.34 -20.13 -22.06
CA LEU C 176 23.37 -19.14 -22.40
C LEU C 176 23.10 -18.59 -23.79
N THR C 177 22.92 -17.27 -23.88
CA THR C 177 22.59 -16.63 -25.15
C THR C 177 23.80 -15.87 -25.69
N LEU C 178 24.10 -16.11 -26.97
CA LEU C 178 25.25 -15.49 -27.64
C LEU C 178 24.89 -15.11 -29.07
N SER C 179 25.68 -14.20 -29.64
CA SER C 179 25.59 -13.92 -31.06
C SER C 179 26.30 -15.05 -31.81
N LYS C 180 25.81 -15.38 -33.00
CA LYS C 180 26.42 -16.41 -33.83
C LYS C 180 27.89 -16.10 -34.06
N ALA C 181 28.22 -14.81 -34.08
CA ALA C 181 29.60 -14.37 -34.22
C ALA C 181 30.45 -14.86 -33.05
N ASP C 182 30.01 -14.53 -31.83
CA ASP C 182 30.73 -14.93 -30.62
C ASP C 182 30.72 -16.45 -30.45
N TYR C 183 29.64 -17.09 -30.89
CA TYR C 183 29.55 -18.54 -30.76
C TYR C 183 30.52 -19.23 -31.71
N GLU C 184 30.53 -18.81 -32.97
CA GLU C 184 31.41 -19.40 -33.97
C GLU C 184 32.87 -19.02 -33.74
N LYS C 185 33.11 -18.14 -32.78
CA LYS C 185 34.46 -17.67 -32.48
C LYS C 185 35.18 -18.60 -31.50
N HIS C 186 34.45 -19.04 -30.48
CA HIS C 186 35.00 -19.90 -29.42
C HIS C 186 34.70 -21.37 -29.70
N LYS C 187 35.33 -22.27 -28.95
CA LYS C 187 35.29 -23.70 -29.26
C LYS C 187 34.66 -24.56 -28.16
N VAL C 188 35.21 -24.51 -26.95
CA VAL C 188 34.72 -25.34 -25.86
C VAL C 188 33.68 -24.62 -25.00
N TYR C 189 32.53 -25.26 -24.84
CA TYR C 189 31.41 -24.72 -24.06
C TYR C 189 31.08 -25.67 -22.93
N ALA C 190 31.25 -25.20 -21.70
CA ALA C 190 31.15 -26.06 -20.53
C ALA C 190 30.13 -25.55 -19.53
N CYS C 191 29.39 -26.49 -18.94
CA CYS C 191 28.42 -26.21 -17.89
C CYS C 191 28.84 -26.91 -16.60
N GLU C 192 29.22 -26.13 -15.58
CA GLU C 192 29.67 -26.68 -14.31
C GLU C 192 28.58 -26.57 -13.24
N VAL C 193 28.24 -27.71 -12.63
CA VAL C 193 27.16 -27.78 -11.65
C VAL C 193 27.69 -28.17 -10.27
N THR C 194 27.21 -27.45 -9.26
CA THR C 194 27.55 -27.75 -7.86
C THR C 194 26.27 -27.98 -7.06
N HIS C 195 26.18 -29.15 -6.45
CA HIS C 195 24.99 -29.53 -5.70
C HIS C 195 25.36 -30.49 -4.55
N GLN C 196 24.60 -30.43 -3.47
CA GLN C 196 24.91 -31.17 -2.25
C GLN C 196 24.79 -32.68 -2.40
N GLY C 197 24.24 -33.13 -3.52
CA GLY C 197 24.12 -34.54 -3.80
C GLY C 197 25.37 -35.08 -4.49
N LEU C 198 26.24 -34.17 -4.88
CA LEU C 198 27.47 -34.51 -5.61
C LEU C 198 28.69 -34.45 -4.71
N SER C 199 29.63 -35.37 -4.90
CA SER C 199 30.86 -35.38 -4.14
C SER C 199 31.82 -34.31 -4.65
N SER C 200 31.63 -33.91 -5.90
CA SER C 200 32.42 -32.85 -6.52
C SER C 200 31.58 -32.13 -7.56
N PRO C 201 32.00 -30.93 -7.97
CA PRO C 201 31.29 -30.28 -9.07
C PRO C 201 31.30 -31.13 -10.34
N VAL C 202 30.22 -31.12 -11.10
CA VAL C 202 30.12 -31.85 -12.35
C VAL C 202 30.16 -30.89 -13.53
N THR C 203 31.09 -31.14 -14.45
CA THR C 203 31.21 -30.34 -15.67
C THR C 203 30.77 -31.17 -16.88
N LYS C 204 29.77 -30.66 -17.59
CA LYS C 204 29.36 -31.22 -18.87
C LYS C 204 29.70 -30.21 -19.96
N SER C 205 30.48 -30.64 -20.94
CA SER C 205 30.92 -29.73 -22.00
C SER C 205 30.90 -30.39 -23.37
N PHE C 206 31.02 -29.55 -24.39
CA PHE C 206 31.09 -30.01 -25.77
C PHE C 206 32.01 -29.07 -26.55
N ASN C 207 32.55 -29.56 -27.66
CA ASN C 207 33.32 -28.73 -28.57
C ASN C 207 32.51 -28.42 -29.83
N ARG C 208 32.52 -27.15 -30.23
CA ARG C 208 31.76 -26.69 -31.38
C ARG C 208 32.18 -27.39 -32.67
N GLY C 209 31.21 -27.88 -33.43
CA GLY C 209 31.46 -28.47 -34.73
C GLY C 209 31.82 -29.95 -34.67
N GLU C 210 31.09 -30.70 -33.84
CA GLU C 210 31.32 -32.15 -33.70
C GLU C 210 30.00 -32.90 -33.58
N CYS C 211 30.10 -34.23 -33.56
CA CYS C 211 28.93 -35.10 -33.46
C CYS C 211 28.12 -34.79 -32.21
C1 NAG D . -1.00 21.36 36.90
C2 NAG D . 0.03 21.52 38.00
C3 NAG D . 0.20 22.96 38.50
C4 NAG D . 0.33 23.92 37.32
C5 NAG D . -0.82 23.68 36.33
C6 NAG D . -0.73 24.55 35.10
C7 NAG D . 0.64 19.34 38.98
C8 NAG D . 0.52 18.45 40.17
N2 NAG D . 0.02 20.53 39.07
O3 NAG D . 1.37 23.04 39.31
O4 NAG D . 0.26 25.27 37.78
O5 NAG D . -0.77 22.32 35.87
O6 NAG D . -0.23 23.84 33.98
O7 NAG D . 1.27 19.02 37.97
H1 NAG D . -0.94 20.46 36.51
H2 NAG D . -0.81 21.69 38.46
H3 NAG D . -0.58 23.21 39.03
H4 NAG D . 1.17 23.77 36.87
H5 NAG D . -1.67 23.84 36.78
H61 NAG D . -1.63 24.90 34.89
H62 NAG D . -0.14 25.30 35.29
H81 NAG D . 0.96 17.60 39.98
H82 NAG D . 0.94 18.87 40.94
H83 NAG D . -0.42 18.28 40.36
HN2 NAG D . -0.43 20.73 39.84
HO3 NAG D . 1.95 22.42 39.06
HO4 NAG D . 0.53 25.30 38.63
HO6 NAG D . 0.17 23.09 34.26
C1 NAG E . -10.81 33.90 12.37
C2 NAG E . -11.80 33.83 11.20
C3 NAG E . -11.98 35.21 10.58
C4 NAG E . -12.37 36.23 11.65
C5 NAG E . -11.34 36.21 12.77
C6 NAG E . -11.73 37.10 13.93
C7 NAG E . -12.11 31.83 9.80
C8 NAG E . -11.51 30.97 8.74
N2 NAG E . -11.36 32.88 10.19
O3 NAG E . -13.00 35.14 9.59
O4 NAG E . -12.44 37.53 11.08
O5 NAG E . -11.23 34.89 13.29
O6 NAG E . -12.90 36.62 14.58
O7 NAG E . -13.21 31.59 10.29
H1 NAG E . -9.92 34.13 12.03
H2 NAG E . -12.66 33.54 11.56
H3 NAG E . -11.15 35.49 10.16
H4 NAG E . -13.24 35.98 12.01
H5 NAG E . -10.49 36.50 12.42
H61 NAG E . -11.91 38.01 13.59
H62 NAG E . -11.00 37.14 14.56
H81 NAG E . -11.38 31.49 7.92
H82 NAG E . -12.10 30.22 8.56
H83 NAG E . -10.64 30.63 9.05
HN2 NAG E . -10.55 33.00 9.80
HO3 NAG E . -13.40 34.35 9.63
HO4 NAG E . -12.07 37.53 10.28
HO6 NAG E . -13.11 35.81 14.26
C1 NAG F . 3.34 2.46 17.94
C2 NAG F . 3.67 2.38 19.43
C3 NAG F . 5.12 1.92 19.62
C4 NAG F . 5.38 0.64 18.83
C5 NAG F . 4.98 0.82 17.37
C6 NAG F . 5.12 -0.44 16.55
C7 NAG F . 2.31 3.97 20.72
C8 NAG F . 2.27 5.33 21.34
N2 NAG F . 3.46 3.65 20.09
O3 NAG F . 5.37 1.68 21.00
O4 NAG F . 6.76 0.30 18.89
O5 NAG F . 3.59 1.21 17.30
O6 NAG F . 4.26 -1.48 17.00
O7 NAG F . 1.36 3.20 20.76
H1 NAG F . 2.39 2.70 17.83
H2 NAG F . 3.09 1.71 19.84
H3 NAG F . 5.73 2.61 19.30
H4 NAG F . 4.86 -0.10 19.22
H5 NAG F . 5.52 1.52 16.98
H61 NAG F . 4.91 -0.23 15.62
H62 NAG F . 6.04 -0.74 16.59
H81 NAG F . 2.96 5.39 22.04
H82 NAG F . 1.39 5.48 21.73
H83 NAG F . 2.45 6.01 20.66
HN2 NAG F . 4.13 4.27 20.08
HO3 NAG F . 4.60 1.56 21.42
HO4 NAG F . 7.20 0.93 19.35
HO6 NAG F . 4.01 -1.31 17.83
C1 NAG G . -2.30 40.28 8.11
C2 NAG G . -0.85 40.71 7.92
C3 NAG G . -0.33 41.34 9.20
C4 NAG G . -1.25 42.47 9.66
C5 NAG G . -2.70 42.00 9.74
C6 NAG G . -3.66 43.13 9.98
C7 NAG G . 0.44 39.34 6.31
C8 NAG G . 0.06 40.32 5.24
N2 NAG G . -0.02 39.58 7.54
O3 NAG G . 0.98 41.85 8.99
O4 NAG G . -0.85 42.93 10.94
O5 NAG G . -3.09 41.39 8.49
O6 NAG G . -4.82 42.70 10.69
O7 NAG G . 1.14 38.36 6.05
H1 NAG G . -2.35 39.59 8.80
H2 NAG G . -0.82 41.38 7.22
H3 NAG G . -0.30 40.67 9.91
H4 NAG G . -1.19 43.20 9.02
H5 NAG G . -2.78 41.34 10.46
H61 NAG G . -3.94 43.50 9.12
H62 NAG G . -3.22 43.83 10.50
H81 NAG G . 0.48 40.08 4.39
H82 NAG G . -0.92 40.32 5.13
H83 NAG G . 0.35 41.21 5.50
HN2 NAG G . 0.21 38.98 8.19
HO3 NAG G . 1.12 41.94 8.11
HO4 NAG G . -0.55 42.25 11.43
HO6 NAG G . -4.69 41.88 11.00
C1 NAG H . 7.69 38.95 9.09
C2 NAG H . 7.98 40.42 8.74
C3 NAG H . 9.18 41.02 9.49
C4 NAG H . 9.14 40.64 10.97
C5 NAG H . 8.96 39.14 11.11
C6 NAG H . 8.90 38.67 12.54
C7 NAG H . 7.16 41.75 6.83
C8 NAG H . 7.26 41.98 5.36
N2 NAG H . 7.93 40.78 7.33
O3 NAG H . 9.15 42.44 9.36
O4 NAG H . 10.36 41.02 11.59
O5 NAG H . 7.72 38.78 10.50
O6 NAG H . 7.60 38.21 12.89
O7 NAG H . 6.42 42.42 7.54
H1 NAG H . 6.80 38.71 8.75
H2 NAG H . 8.74 39.93 8.35
H3 NAG H . 10.00 40.68 9.09
H4 NAG H . 8.40 41.10 11.41
H5 NAG H . 9.69 38.68 10.65
H61 NAG H . 9.54 37.95 12.68
H62 NAG H . 9.13 39.42 13.13
H81 NAG H . 6.64 42.68 5.09
H82 NAG H . 8.17 42.26 5.13
H83 NAG H . 7.05 41.16 4.88
HN2 NAG H . 8.47 40.32 6.75
HO3 NAG H . 8.35 42.69 9.07
HO4 NAG H . 10.76 41.66 11.11
HO6 NAG H . 6.99 38.62 12.37
C1 NAG I . 13.76 29.92 5.53
C2 NAG I . 14.10 31.22 4.80
C3 NAG I . 15.59 31.54 4.95
C4 NAG I . 16.01 31.48 6.42
C5 NAG I . 15.56 30.18 7.06
C6 NAG I . 15.87 30.10 8.53
C7 NAG I . 13.76 32.13 2.54
C8 NAG I . 13.36 31.82 1.13
N2 NAG I . 13.74 31.11 3.39
O3 NAG I . 15.85 32.83 4.43
O4 NAG I . 17.43 31.57 6.50
O5 NAG I . 14.14 30.03 6.91
O6 NAG I . 14.95 29.26 9.23
O7 NAG I . 14.10 33.26 2.88
H1 NAG I . 12.80 29.76 5.48
H2 NAG I . 13.59 31.94 5.20
H3 NAG I . 16.11 30.88 4.44
H4 NAG I . 15.61 32.23 6.89
H5 NAG I . 16.00 29.43 6.60
H61 NAG I . 16.77 29.75 8.66
H62 NAG I . 15.81 31.00 8.92
H81 NAG I . 13.36 32.64 0.60
H82 NAG I . 13.99 31.18 0.75
H83 NAG I . 12.46 31.44 1.13
HN2 NAG I . 13.49 30.29 3.08
HO3 NAG I . 15.13 33.34 4.50
HO4 NAG I . 17.79 31.36 5.73
HO6 NAG I . 14.53 28.73 8.64
C1 NAG J . 20.08 11.25 16.46
C2 NAG J . 21.10 11.49 15.39
C3 NAG J . 22.47 11.69 16.05
C4 NAG J . 22.39 12.91 16.95
C5 NAG J . 21.20 12.87 17.91
C6 NAG J . 20.87 14.23 18.47
C7 NAG J . 21.58 9.21 14.41
C8 NAG J . 22.16 8.76 15.71
N2 NAG J . 21.13 10.48 14.34
O3 NAG J . 23.47 11.85 15.06
O4 NAG J . 23.58 13.00 17.73
O5 NAG J . 19.98 12.41 17.28
O6 NAG J . 21.69 14.57 19.59
O7 NAG J . 21.53 8.46 13.44
H1 NAG J . 19.21 11.10 16.04
H2 NAG J . 20.89 12.34 14.97
H3 NAG J . 22.68 10.90 16.58
H4 NAG J . 22.33 13.71 16.38
H5 NAG J . 21.41 12.27 18.64
H61 NAG J . 19.94 14.25 18.75
H62 NAG J . 21.00 14.90 17.78
H81 NAG J . 22.42 7.82 15.65
H82 NAG J . 22.95 9.30 15.92
H83 NAG J . 21.50 8.86 16.42
HN2 NAG J . 20.77 10.73 13.54
HO3 NAG J . 23.11 11.84 14.25
HO4 NAG J . 23.59 12.32 18.31
HO6 NAG J . 21.92 13.83 20.01
C1 NAG K . 2.04 19.92 -5.88
C2 NAG K . 0.88 20.40 -6.76
C3 NAG K . 1.05 19.87 -8.19
C4 NAG K . 2.42 20.23 -8.73
C5 NAG K . 3.49 19.71 -7.78
C6 NAG K . 4.90 20.08 -8.19
C7 NAG K . -1.35 20.86 -5.84
C8 NAG K . -2.59 20.25 -5.28
N2 NAG K . -0.39 19.99 -6.20
O3 NAG K . 0.04 20.45 -9.01
O4 NAG K . 2.62 19.63 -10.01
O5 NAG K . 3.29 20.29 -6.48
O6 NAG K . 4.89 21.14 -9.14
O7 NAG K . -1.21 22.07 -5.95
H1 NAG K . 1.97 20.35 -5.01
H2 NAG K . 0.90 21.38 -6.80
H3 NAG K . 0.94 18.90 -8.18
H4 NAG K . 2.50 21.19 -8.81
H5 NAG K . 3.42 18.74 -7.70
H61 NAG K . 5.40 20.36 -7.41
H62 NAG K . 5.32 19.30 -8.60
H81 NAG K . -3.21 20.96 -5.01
H82 NAG K . -3.02 19.70 -5.96
H83 NAG K . -2.37 19.70 -4.51
HN2 NAG K . -0.56 19.10 -6.10
HO3 NAG K . -0.46 21.00 -8.53
HO4 NAG K . 1.87 19.22 -10.26
HO6 NAG K . 4.54 21.87 -8.78
C1 NAG L . -0.45 24.88 -7.18
C2 NAG L . -0.93 24.48 -8.58
C3 NAG L . 0.20 23.80 -9.35
C4 NAG L . 1.44 24.68 -9.36
C5 NAG L . 1.83 25.03 -7.94
C6 NAG L . 3.01 25.98 -7.87
C7 NAG L . -3.23 23.83 -9.14
C8 NAG L . -4.32 22.81 -8.93
N2 NAG L . -2.08 23.60 -8.49
O3 NAG L . -0.24 23.57 -10.69
O4 NAG L . 2.52 24.00 -10.00
O5 NAG L . 0.73 25.68 -7.29
O6 NAG L . 2.66 27.28 -8.29
O7 NAG L . -3.39 24.81 -9.86
H1 NAG L . -1.14 25.41 -6.74
H2 NAG L . -1.19 25.29 -9.05
H3 NAG L . 0.41 22.95 -8.93
H4 NAG L . 1.24 25.51 -9.86
H5 NAG L . 2.05 24.21 -7.46
H61 NAG L . 3.72 25.64 -8.44
H62 NAG L . 3.33 26.02 -6.94
H81 NAG L . -4.02 21.95 -9.27
H82 NAG L . -5.12 23.08 -9.41
H83 NAG L . -4.51 22.74 -7.98
HN2 NAG L . -2.02 22.86 -7.96
HO3 NAG L . -1.07 23.89 -10.79
HO4 NAG L . 2.35 23.13 -9.99
HO6 NAG L . 1.89 27.26 -8.74
C1 NAG M . 10.05 24.19 -4.34
C2 NAG M . 9.69 25.13 -5.50
C3 NAG M . 10.81 25.15 -6.54
C4 NAG M . 12.15 25.46 -5.88
C5 NAG M . 12.41 24.47 -4.75
C6 NAG M . 13.67 24.76 -3.98
C7 NAG M . 7.45 25.60 -6.38
C8 NAG M . 6.23 25.01 -7.02
N2 NAG M . 8.44 24.74 -6.10
O3 NAG M . 10.53 26.14 -7.52
O4 NAG M . 13.20 25.35 -6.84
O5 NAG M . 11.33 24.54 -3.80
O6 NAG M . 13.44 24.83 -2.58
O7 NAG M . 7.53 26.80 -6.12
H1 NAG M . 9.37 24.26 -3.65
H2 NAG M . 9.59 26.03 -5.13
H3 NAG M . 10.86 24.28 -6.97
H4 NAG M . 12.14 26.37 -5.52
H5 NAG M . 12.45 23.57 -5.11
H61 NAG M . 14.33 24.06 -4.15
H62 NAG M . 14.05 25.61 -4.28
H81 NAG M . 6.47 24.63 -7.89
H82 NAG M . 5.56 25.70 -7.14
H83 NAG M . 5.87 24.31 -6.45
HN2 NAG M . 8.32 23.85 -6.33
HO3 NAG M . 9.78 26.58 -7.29
HO4 NAG M . 12.86 25.27 -7.65
HO6 NAG M . 12.61 25.10 -2.43
C1 NAG N . -3.93 36.48 15.97
C2 NAG N . -5.18 37.21 16.48
C3 NAG N . -4.80 38.65 16.85
C4 NAG N . -3.70 38.67 17.90
C5 NAG N . -2.56 37.75 17.47
C6 NAG N . -1.25 37.75 18.24
C7 NAG N . -7.20 36.27 15.45
C8 NAG N . -8.21 36.41 14.35
N2 NAG N . -6.23 37.20 15.49
O3 NAG N . -5.96 39.32 17.35
O4 NAG N . -3.21 39.99 18.06
O5 NAG N . -2.94 36.45 16.99
O6 NAG N . -0.35 36.78 17.71
O7 NAG N . -7.24 35.34 16.26
H1 NAG N . -3.59 36.94 15.18
H2 NAG N . -5.49 36.76 17.29
H3 NAG N . -4.50 39.11 16.05
H4 NAG N . -4.06 38.36 18.75
H5 NAG N . -2.84 37.34 18.31
H61 NAG N . -1.44 37.53 19.17
H62 NAG N . -0.85 38.63 18.17
H81 NAG N . -8.84 35.66 14.38
H82 NAG N . -8.69 37.24 14.47
H83 NAG N . -7.76 36.41 13.49
HN2 NAG N . -6.25 37.85 14.86
HO3 NAG N . -6.54 38.71 17.66
HO4 NAG N . -3.88 40.57 18.02
HO6 NAG N . -0.73 36.37 17.02
#